data_8HGU
#
_entry.id   8HGU
#
_cell.length_a   87.537
_cell.length_b   84.913
_cell.length_c   98.235
_cell.angle_alpha   90.000
_cell.angle_beta   100.910
_cell.angle_gamma   90.000
#
_symmetry.space_group_name_H-M   'P 1 21 1'
#
loop_
_entity.id
_entity.type
_entity.pdbx_description
1 polymer 'Alpha/beta hydrolase'
2 water water
#
_entity_poly.entity_id   1
_entity_poly.type   'polypeptide(L)'
_entity_poly.pdbx_seq_one_letter_code
;MSSDFATPPGLRHRQIAVRDTTLHVAEIGSGGTPVLLLHGWPEFWATWLPLMNRLHDQFHLIAPDLRGFGDSEKSAVPRS
DVGANSHADDMAALLGALGLESVGVVGHDVGAYAAQALARRHPQLVDRLLFFNCPTASVGGAWVHHGHVNEVWYQSFQQL
GLAEALVGTSRETCALYFRHFLEHWSHRKDAFEPAFELWIDNFMKPGNLRGGFDWYRSQNALRLAAIDGHPTPSVRIHQP
TRVHWGRHDPILKSEWSAFVPEHFDDARISFCESAGHFVHVEAPDEAADVLAEFFGGR
;
_entity_poly.pdbx_strand_id   A,B,C,D
#
# COMPACT_ATOMS: atom_id res chain seq x y z
N SER A 2 35.21 14.98 25.06
CA SER A 2 34.98 13.63 24.40
C SER A 2 33.79 13.69 23.45
N SER A 3 33.67 12.70 22.57
CA SER A 3 32.63 12.62 21.52
C SER A 3 31.21 12.73 22.14
N ASP A 4 30.28 13.36 21.44
CA ASP A 4 28.85 13.34 21.78
C ASP A 4 28.35 11.90 21.71
N PHE A 5 29.04 11.01 21.00
CA PHE A 5 28.61 9.60 20.81
C PHE A 5 29.54 8.63 21.55
N ALA A 6 30.32 9.13 22.52
CA ALA A 6 31.06 8.26 23.46
C ALA A 6 30.06 7.59 24.41
N THR A 7 30.44 6.55 25.14
CA THR A 7 29.54 5.87 26.08
C THR A 7 30.10 5.98 27.49
N PRO A 8 29.44 6.65 28.45
CA PRO A 8 30.02 6.73 29.78
C PRO A 8 30.03 5.37 30.44
N PRO A 9 31.02 5.11 31.33
CA PRO A 9 31.01 3.87 32.11
C PRO A 9 29.70 3.83 32.90
N GLY A 10 29.22 2.64 33.19
CA GLY A 10 27.99 2.58 34.00
C GLY A 10 26.74 2.61 33.13
N LEU A 11 26.84 2.81 31.82
CA LEU A 11 25.71 2.47 30.94
C LEU A 11 25.46 0.96 31.06
N ARG A 12 24.20 0.57 31.27
CA ARG A 12 23.74 -0.84 31.39
C ARG A 12 22.73 -1.16 30.27
N HIS A 13 22.81 -2.38 29.76
CA HIS A 13 21.88 -2.95 28.72
C HIS A 13 21.11 -4.12 29.31
N ARG A 14 19.79 -4.16 29.12
CA ARG A 14 18.93 -5.33 29.42
C ARG A 14 18.09 -5.68 28.17
N GLN A 15 17.82 -6.98 27.99
CA GLN A 15 16.70 -7.51 27.16
C GLN A 15 15.54 -7.79 28.12
N ILE A 16 14.48 -7.00 28.08
CA ILE A 16 13.38 -7.13 29.08
C ILE A 16 12.17 -7.75 28.37
N ALA A 17 11.62 -8.83 28.91
CA ALA A 17 10.35 -9.42 28.43
C ALA A 17 9.21 -8.46 28.79
N VAL A 18 8.43 -8.04 27.81
CA VAL A 18 7.43 -6.95 27.93
C VAL A 18 6.26 -7.34 27.01
N ARG A 19 5.03 -7.36 27.52
CA ARG A 19 3.87 -7.76 26.71
C ARG A 19 4.26 -9.09 26.06
N ASP A 20 4.12 -9.26 24.76
CA ASP A 20 4.53 -10.58 24.19
C ASP A 20 5.82 -10.41 23.37
N THR A 21 6.73 -9.52 23.78
CA THR A 21 7.96 -9.21 22.99
C THR A 21 9.14 -9.12 23.96
N THR A 22 10.32 -8.79 23.44
CA THR A 22 11.53 -8.48 24.23
C THR A 22 12.07 -7.16 23.72
N LEU A 23 12.26 -6.20 24.62
CA LEU A 23 12.83 -4.88 24.28
C LEU A 23 14.25 -4.79 24.84
N HIS A 24 15.15 -4.24 24.04
CA HIS A 24 16.47 -3.76 24.51
C HIS A 24 16.25 -2.44 25.23
N VAL A 25 16.77 -2.30 26.45
CA VAL A 25 16.67 -1.03 27.20
C VAL A 25 18.07 -0.66 27.65
N ALA A 26 18.53 0.52 27.30
CA ALA A 26 19.74 1.13 27.88
C ALA A 26 19.34 2.03 29.06
N GLU A 27 20.13 2.00 30.13
CA GLU A 27 19.92 2.82 31.34
C GLU A 27 21.26 3.37 31.81
N ILE A 28 21.22 4.59 32.30
CA ILE A 28 22.40 5.20 32.95
C ILE A 28 21.89 6.17 33.99
N GLY A 29 22.64 6.30 35.06
CA GLY A 29 22.28 7.17 36.18
C GLY A 29 21.46 6.41 37.20
N SER A 30 21.14 7.09 38.29
CA SER A 30 20.36 6.51 39.39
C SER A 30 19.93 7.67 40.30
N GLY A 31 18.76 7.55 40.92
CA GLY A 31 18.24 8.49 41.92
C GLY A 31 17.34 9.52 41.29
N GLY A 32 16.25 9.84 41.98
CA GLY A 32 15.23 10.77 41.47
C GLY A 32 14.28 10.07 40.51
N THR A 33 13.18 10.73 40.22
CA THR A 33 12.19 10.35 39.19
C THR A 33 12.94 10.12 37.89
N PRO A 34 12.91 8.91 37.29
CA PRO A 34 13.60 8.71 36.03
C PRO A 34 12.95 9.46 34.85
N VAL A 35 13.74 9.59 33.80
CA VAL A 35 13.33 10.17 32.49
C VAL A 35 13.44 9.07 31.43
N LEU A 36 12.30 8.77 30.81
CA LEU A 36 12.12 7.81 29.71
C LEU A 36 12.29 8.55 28.39
N LEU A 37 13.26 8.15 27.59
CA LEU A 37 13.57 8.88 26.33
C LEU A 37 13.07 8.00 25.18
N LEU A 38 12.25 8.56 24.29
CA LEU A 38 11.66 7.75 23.20
C LEU A 38 12.15 8.24 21.82
N HIS A 39 12.89 7.37 21.11
CA HIS A 39 13.50 7.68 19.80
C HIS A 39 12.44 7.69 18.68
N GLY A 40 12.86 8.12 17.51
CA GLY A 40 12.02 8.09 16.28
C GLY A 40 12.52 7.11 15.22
N TRP A 41 12.10 7.38 13.98
CA TRP A 41 12.61 6.74 12.75
C TRP A 41 13.38 7.82 12.00
N PRO A 42 14.59 7.59 11.45
CA PRO A 42 15.32 6.34 11.50
C PRO A 42 16.36 6.29 12.62
N GLU A 43 15.94 5.83 13.78
CA GLU A 43 16.79 5.90 14.99
C GLU A 43 16.65 4.60 15.78
N PHE A 44 17.27 4.64 16.93
CA PHE A 44 17.29 3.59 17.96
C PHE A 44 17.85 4.29 19.20
N TRP A 45 18.06 3.57 20.30
CA TRP A 45 18.38 4.17 21.62
C TRP A 45 19.61 5.09 21.55
N ALA A 46 20.61 4.76 20.73
CA ALA A 46 21.88 5.52 20.63
C ALA A 46 21.68 6.97 20.20
N THR A 47 20.53 7.31 19.63
CA THR A 47 20.17 8.72 19.32
C THR A 47 20.27 9.57 20.60
N TRP A 48 20.10 8.96 21.78
CA TRP A 48 20.12 9.65 23.08
C TRP A 48 21.53 9.80 23.67
N LEU A 49 22.59 9.29 23.02
CA LEU A 49 23.95 9.32 23.60
C LEU A 49 24.39 10.77 23.86
N PRO A 50 24.20 11.74 22.96
CA PRO A 50 24.61 13.13 23.24
C PRO A 50 23.97 13.69 24.53
N LEU A 51 22.67 13.46 24.79
CA LEU A 51 22.01 13.90 26.05
C LEU A 51 22.45 13.03 27.24
N MET A 52 22.65 11.73 27.08
CA MET A 52 23.10 10.87 28.20
C MET A 52 24.47 11.33 28.66
N ASN A 53 25.35 11.76 27.74
CA ASN A 53 26.74 12.18 28.07
C ASN A 53 26.64 13.44 28.94
N ARG A 54 25.68 14.27 28.67
CA ARG A 54 25.49 15.57 29.37
C ARG A 54 24.75 15.42 30.70
N LEU A 55 23.91 14.41 30.89
CA LEU A 55 22.89 14.45 31.98
C LEU A 55 22.95 13.27 32.94
N HIS A 56 23.79 12.27 32.69
CA HIS A 56 23.72 10.98 33.39
C HIS A 56 24.02 11.18 34.90
N ASP A 57 24.74 12.23 35.29
CA ASP A 57 25.00 12.47 36.74
C ASP A 57 23.81 13.23 37.37
N GLN A 58 22.87 13.75 36.57
CA GLN A 58 21.72 14.57 37.07
C GLN A 58 20.42 13.76 37.06
N PHE A 59 20.25 12.79 36.15
CA PHE A 59 19.02 12.00 35.98
C PHE A 59 19.37 10.53 35.77
N HIS A 60 18.49 9.65 36.21
CA HIS A 60 18.33 8.25 35.78
C HIS A 60 17.62 8.28 34.42
N LEU A 61 18.34 7.95 33.35
CA LEU A 61 17.80 8.01 31.96
C LEU A 61 17.52 6.58 31.48
N ILE A 62 16.35 6.36 30.90
CA ILE A 62 15.92 5.03 30.40
C ILE A 62 15.65 5.21 28.91
N ALA A 63 16.39 4.50 28.06
CA ALA A 63 16.32 4.63 26.59
C ALA A 63 16.12 3.26 25.94
N PRO A 64 14.85 2.87 25.73
CA PRO A 64 14.52 1.62 25.06
C PRO A 64 14.68 1.74 23.54
N ASP A 65 14.95 0.60 22.90
CA ASP A 65 14.61 0.40 21.48
C ASP A 65 13.11 0.03 21.42
N LEU A 66 12.34 0.81 20.69
CA LEU A 66 10.94 0.44 20.38
C LEU A 66 10.92 -0.93 19.71
N ARG A 67 9.82 -1.66 19.91
CA ARG A 67 9.54 -2.92 19.16
C ARG A 67 9.81 -2.72 17.68
N GLY A 68 10.59 -3.62 17.09
CA GLY A 68 10.92 -3.55 15.67
C GLY A 68 12.05 -2.60 15.35
N PHE A 69 12.81 -2.11 16.34
CA PHE A 69 13.96 -1.19 16.20
C PHE A 69 15.16 -1.66 17.04
N GLY A 70 16.37 -1.26 16.65
CA GLY A 70 17.60 -1.48 17.43
C GLY A 70 17.82 -2.95 17.67
N ASP A 71 18.00 -3.35 18.94
CA ASP A 71 18.18 -4.78 19.34
C ASP A 71 16.89 -5.29 19.98
N SER A 72 15.79 -4.56 19.87
CA SER A 72 14.51 -5.13 20.36
C SER A 72 14.08 -6.20 19.34
N GLU A 73 13.18 -7.11 19.75
CA GLU A 73 12.68 -8.22 18.91
C GLU A 73 11.95 -7.63 17.70
N LYS A 74 12.14 -8.28 16.56
CA LYS A 74 11.33 -8.08 15.33
C LYS A 74 10.38 -9.27 15.11
N SER A 75 9.23 -9.00 14.52
CA SER A 75 8.33 -10.00 13.89
C SER A 75 9.01 -10.56 12.63
N ALA A 76 8.77 -11.82 12.27
CA ALA A 76 9.30 -12.50 11.04
C ALA A 76 8.74 -11.83 9.78
N VAL A 77 7.50 -11.33 9.79
CA VAL A 77 6.86 -10.88 8.52
C VAL A 77 6.37 -9.45 8.71
N PRO A 78 6.16 -8.69 7.61
CA PRO A 78 5.66 -7.31 7.72
C PRO A 78 4.34 -7.25 8.53
N ARG A 79 4.15 -6.17 9.27
CA ARG A 79 3.03 -6.01 10.23
C ARG A 79 2.42 -4.62 10.03
N SER A 80 1.16 -4.45 10.38
CA SER A 80 0.40 -3.19 10.26
C SER A 80 -0.26 -2.81 11.58
N ASP A 81 0.03 -3.53 12.65
CA ASP A 81 -0.61 -3.34 13.98
C ASP A 81 0.40 -2.82 15.02
N VAL A 82 1.53 -2.23 14.61
CA VAL A 82 2.51 -1.69 15.59
C VAL A 82 2.50 -0.16 15.48
N GLY A 83 1.39 0.46 15.88
CA GLY A 83 1.17 1.93 15.89
C GLY A 83 1.51 2.59 17.22
N ALA A 84 1.05 3.83 17.40
CA ALA A 84 1.38 4.65 18.58
C ALA A 84 0.87 3.95 19.85
N ASN A 85 -0.29 3.31 19.76
CA ASN A 85 -0.96 2.70 20.95
C ASN A 85 -0.19 1.45 21.37
N SER A 86 0.27 0.68 20.39
CA SER A 86 1.16 -0.47 20.66
C SER A 86 2.44 0.00 21.36
N HIS A 87 3.12 1.01 20.84
CA HIS A 87 4.37 1.48 21.48
C HIS A 87 4.09 2.01 22.89
N ALA A 88 3.01 2.77 23.08
CA ALA A 88 2.58 3.28 24.40
C ALA A 88 2.38 2.14 25.38
N ASP A 89 1.64 1.10 24.95
CA ASP A 89 1.32 -0.03 25.86
C ASP A 89 2.61 -0.77 26.20
N ASP A 90 3.56 -0.84 25.26
CA ASP A 90 4.89 -1.48 25.47
C ASP A 90 5.64 -0.66 26.54
N MET A 91 5.57 0.67 26.45
CA MET A 91 6.30 1.54 27.42
C MET A 91 5.65 1.41 28.81
N ALA A 92 4.32 1.38 28.90
CA ALA A 92 3.62 1.17 30.19
C ALA A 92 4.09 -0.16 30.79
N ALA A 93 4.20 -1.22 30.01
CA ALA A 93 4.60 -2.54 30.52
C ALA A 93 6.08 -2.48 30.94
N LEU A 94 6.91 -1.79 30.17
CA LEU A 94 8.34 -1.68 30.53
C LEU A 94 8.45 -0.99 31.90
N LEU A 95 7.71 0.12 32.13
CA LEU A 95 7.83 0.84 33.42
C LEU A 95 7.40 -0.11 34.53
N GLY A 96 6.36 -0.92 34.30
CA GLY A 96 5.88 -1.94 35.23
C GLY A 96 6.96 -2.99 35.48
N ALA A 97 7.68 -3.40 34.44
CA ALA A 97 8.80 -4.36 34.59
C ALA A 97 9.90 -3.70 35.42
N LEU A 98 10.11 -2.39 35.35
CA LEU A 98 11.23 -1.74 36.10
C LEU A 98 10.79 -1.31 37.50
N GLY A 99 9.55 -1.58 37.90
CA GLY A 99 9.03 -1.18 39.21
C GLY A 99 8.87 0.32 39.34
N LEU A 100 8.47 1.03 38.30
CA LEU A 100 8.39 2.51 38.32
C LEU A 100 6.93 2.94 38.19
N GLU A 101 6.46 3.79 39.11
CA GLU A 101 5.05 4.24 39.18
C GLU A 101 4.89 5.49 38.34
N SER A 102 5.97 6.24 38.10
CA SER A 102 5.87 7.45 37.27
C SER A 102 7.27 7.92 36.85
N VAL A 103 7.28 8.54 35.68
CA VAL A 103 8.50 9.03 35.00
C VAL A 103 8.17 10.31 34.28
N GLY A 104 9.22 11.09 34.04
CA GLY A 104 9.25 12.08 32.96
C GLY A 104 9.41 11.39 31.65
N VAL A 105 8.87 11.98 30.59
CA VAL A 105 8.88 11.36 29.25
C VAL A 105 9.38 12.39 28.23
N VAL A 106 10.38 11.99 27.46
CA VAL A 106 10.94 12.80 26.35
C VAL A 106 10.61 12.07 25.06
N GLY A 107 10.07 12.81 24.10
CA GLY A 107 9.67 12.19 22.83
C GLY A 107 10.04 13.05 21.66
N HIS A 108 10.38 12.45 20.54
CA HIS A 108 10.31 13.14 19.23
C HIS A 108 9.91 12.12 18.17
N ASP A 109 9.31 12.62 17.10
CA ASP A 109 8.98 11.81 15.91
C ASP A 109 8.05 10.68 16.36
N VAL A 110 8.35 9.42 16.01
CA VAL A 110 7.53 8.25 16.45
C VAL A 110 7.40 8.29 17.98
N GLY A 111 8.49 8.61 18.68
CA GLY A 111 8.51 8.63 20.15
C GLY A 111 7.55 9.69 20.67
N ALA A 112 7.24 10.71 19.88
CA ALA A 112 6.29 11.78 20.28
C ALA A 112 4.87 11.22 20.20
N TYR A 113 4.56 10.46 19.14
CA TYR A 113 3.25 9.77 18.99
C TYR A 113 3.06 8.80 20.17
N ALA A 114 4.10 8.04 20.48
CA ALA A 114 4.09 7.03 21.55
C ALA A 114 3.88 7.75 22.89
N ALA A 115 4.60 8.83 23.14
CA ALA A 115 4.53 9.62 24.39
C ALA A 115 3.08 10.15 24.56
N GLN A 116 2.45 10.64 23.49
CA GLN A 116 1.08 11.19 23.56
C GLN A 116 0.13 10.07 23.95
N ALA A 117 0.29 8.90 23.35
CA ALA A 117 -0.63 7.77 23.59
C ALA A 117 -0.34 7.23 25.00
N LEU A 118 0.89 7.30 25.49
CA LEU A 118 1.20 6.86 26.88
C LEU A 118 0.47 7.77 27.88
N ALA A 119 0.58 9.06 27.66
CA ALA A 119 -0.06 10.11 28.50
C ALA A 119 -1.59 9.97 28.52
N ARG A 120 -2.25 9.62 27.40
CA ARG A 120 -3.72 9.39 27.37
C ARG A 120 -4.10 8.04 27.96
N ARG A 121 -3.38 6.98 27.60
CA ARG A 121 -3.81 5.61 27.92
C ARG A 121 -3.32 5.17 29.31
N HIS A 122 -2.23 5.71 29.82
CA HIS A 122 -1.65 5.34 31.14
C HIS A 122 -1.25 6.61 31.87
N PRO A 123 -2.23 7.51 32.12
CA PRO A 123 -1.93 8.87 32.55
C PRO A 123 -1.11 8.92 33.84
N GLN A 124 -1.35 8.00 34.77
CA GLN A 124 -0.65 7.98 36.09
C GLN A 124 0.87 7.76 35.93
N LEU A 125 1.34 7.10 34.85
CA LEU A 125 2.78 6.76 34.66
C LEU A 125 3.56 8.01 34.23
N VAL A 126 2.88 9.03 33.74
CA VAL A 126 3.55 10.18 33.07
C VAL A 126 3.43 11.38 34.00
N ASP A 127 4.57 11.82 34.54
CA ASP A 127 4.66 13.02 35.41
C ASP A 127 4.53 14.29 34.55
N ARG A 128 5.36 14.38 33.51
CA ARG A 128 5.43 15.54 32.59
C ARG A 128 6.15 15.11 31.29
N LEU A 129 5.91 15.87 30.26
CA LEU A 129 6.28 15.60 28.86
C LEU A 129 7.17 16.70 28.27
N LEU A 130 8.32 16.29 27.72
CA LEU A 130 9.14 17.14 26.83
C LEU A 130 9.11 16.54 25.43
N PHE A 131 8.72 17.36 24.48
CA PHE A 131 8.79 17.02 23.04
C PHE A 131 9.79 17.92 22.32
N PHE A 132 10.63 17.37 21.45
CA PHE A 132 11.54 18.14 20.58
C PHE A 132 10.92 18.41 19.19
N ASN A 133 9.77 17.82 18.97
CA ASN A 133 8.81 18.17 17.89
C ASN A 133 7.55 17.46 18.32
N CYS A 134 6.40 17.91 17.87
CA CYS A 134 5.15 17.47 18.48
C CYS A 134 4.04 17.44 17.44
N PRO A 135 4.13 16.48 16.50
CA PRO A 135 3.08 16.31 15.51
C PRO A 135 1.80 15.84 16.23
N THR A 136 0.66 16.38 15.76
CA THR A 136 -0.68 16.11 16.30
C THR A 136 -1.61 15.75 15.13
N ALA A 137 -2.79 15.21 15.44
CA ALA A 137 -3.86 14.85 14.46
C ALA A 137 -4.30 16.07 13.63
N SER A 138 -4.14 17.28 14.16
CA SER A 138 -4.56 18.55 13.52
C SER A 138 -3.71 18.89 12.28
N VAL A 139 -2.57 18.22 12.04
CA VAL A 139 -1.69 18.58 10.91
C VAL A 139 -2.49 18.40 9.60
N GLY A 140 -3.06 17.20 9.37
CA GLY A 140 -4.09 16.93 8.34
C GLY A 140 -3.57 17.19 6.93
N GLY A 141 -4.21 18.08 6.18
CA GLY A 141 -3.85 18.42 4.78
C GLY A 141 -2.49 19.10 4.68
N ALA A 142 -1.95 19.64 5.79
CA ALA A 142 -0.61 20.22 5.80
C ALA A 142 0.47 19.15 5.53
N TRP A 143 0.18 17.85 5.67
CA TRP A 143 1.14 16.77 5.27
C TRP A 143 1.40 16.83 3.76
N VAL A 144 0.48 17.32 2.93
CA VAL A 144 0.59 17.20 1.45
C VAL A 144 0.47 18.54 0.72
N HIS A 145 0.25 19.67 1.41
CA HIS A 145 0.06 20.98 0.76
C HIS A 145 1.28 21.86 1.00
N HIS A 146 1.36 22.99 0.31
CA HIS A 146 2.41 24.03 0.50
C HIS A 146 3.78 23.40 0.26
N GLY A 147 3.87 22.51 -0.70
CA GLY A 147 5.14 21.88 -1.06
C GLY A 147 5.46 20.66 -0.23
N HIS A 148 4.68 20.32 0.80
CA HIS A 148 5.12 19.26 1.74
C HIS A 148 5.07 17.88 1.11
N VAL A 149 4.39 17.74 -0.03
CA VAL A 149 4.27 16.41 -0.67
C VAL A 149 5.68 15.94 -1.04
N ASN A 150 6.62 16.86 -1.25
CA ASN A 150 7.99 16.50 -1.68
C ASN A 150 8.73 15.88 -0.49
N GLU A 151 8.29 16.12 0.74
CA GLU A 151 9.04 15.62 1.93
C GLU A 151 8.53 14.24 2.35
N VAL A 152 7.31 13.82 1.94
CA VAL A 152 6.61 12.65 2.56
C VAL A 152 6.72 11.38 1.72
N TRP A 153 7.40 11.43 0.58
CA TRP A 153 7.53 10.30 -0.37
C TRP A 153 7.92 9.01 0.35
N TYR A 154 8.81 9.09 1.34
CA TYR A 154 9.41 7.92 2.04
C TYR A 154 8.29 7.16 2.80
N GLN A 155 7.26 7.85 3.28
CA GLN A 155 6.22 7.23 4.14
C GLN A 155 5.44 6.21 3.31
N SER A 156 5.20 6.50 2.02
CA SER A 156 4.54 5.59 1.06
C SER A 156 5.52 4.53 0.56
N PHE A 157 6.71 4.96 0.14
CA PHE A 157 7.73 4.07 -0.45
C PHE A 157 8.04 2.94 0.53
N GLN A 158 8.22 3.31 1.79
CA GLN A 158 8.62 2.33 2.83
C GLN A 158 7.52 1.32 3.16
N GLN A 159 6.32 1.48 2.63
CA GLN A 159 5.28 0.45 2.77
C GLN A 159 5.42 -0.60 1.67
N LEU A 160 6.25 -0.40 0.64
CA LEU A 160 6.33 -1.35 -0.48
C LEU A 160 7.38 -2.42 -0.19
N GLY A 161 7.16 -3.64 -0.69
CA GLY A 161 8.19 -4.70 -0.84
C GLY A 161 9.45 -4.16 -1.50
N LEU A 162 9.32 -3.32 -2.53
CA LEU A 162 10.45 -2.69 -3.28
C LEU A 162 11.46 -1.99 -2.34
N ALA A 163 11.00 -1.34 -1.27
CA ALA A 163 11.82 -0.57 -0.31
C ALA A 163 12.81 -1.50 0.42
N GLU A 164 12.34 -2.60 0.99
CA GLU A 164 13.18 -3.60 1.68
C GLU A 164 14.13 -4.25 0.65
N ALA A 165 13.68 -4.53 -0.58
CA ALA A 165 14.53 -5.15 -1.62
C ALA A 165 15.65 -4.20 -2.05
N LEU A 166 15.33 -2.94 -2.29
CA LEU A 166 16.25 -1.97 -2.91
C LEU A 166 17.22 -1.44 -1.82
N VAL A 167 16.68 -0.98 -0.69
CA VAL A 167 17.50 -0.42 0.41
C VAL A 167 18.35 -1.53 1.02
N GLY A 168 17.82 -2.75 1.08
CA GLY A 168 18.48 -3.95 1.62
C GLY A 168 19.43 -4.65 0.64
N THR A 169 19.71 -4.07 -0.53
CA THR A 169 20.57 -4.74 -1.53
C THR A 169 21.93 -5.04 -0.91
N SER A 170 22.56 -4.05 -0.27
CA SER A 170 23.95 -4.13 0.20
C SER A 170 24.18 -3.12 1.31
N ARG A 171 25.32 -3.22 2.00
CA ARG A 171 25.70 -2.15 2.94
C ARG A 171 25.70 -0.80 2.21
N GLU A 172 26.25 -0.73 1.00
CA GLU A 172 26.33 0.54 0.22
C GLU A 172 24.92 1.14 -0.02
N THR A 173 23.93 0.36 -0.44
CA THR A 173 22.56 0.91 -0.67
C THR A 173 21.96 1.34 0.67
N CYS A 174 22.22 0.60 1.73
CA CYS A 174 21.76 0.95 3.10
C CYS A 174 22.37 2.30 3.52
N ALA A 175 23.67 2.50 3.27
CA ALA A 175 24.39 3.76 3.60
C ALA A 175 23.84 4.92 2.79
N LEU A 176 23.62 4.74 1.48
CA LEU A 176 23.04 5.82 0.65
C LEU A 176 21.70 6.26 1.25
N TYR A 177 20.83 5.34 1.59
CA TYR A 177 19.45 5.64 2.01
C TYR A 177 19.44 6.40 3.34
N PHE A 178 20.10 5.87 4.37
CA PHE A 178 20.03 6.45 5.72
C PHE A 178 20.82 7.75 5.77
N ARG A 179 21.87 7.90 4.95
CA ARG A 179 22.65 9.17 4.92
C ARG A 179 21.73 10.29 4.47
N HIS A 180 20.88 10.04 3.48
CA HIS A 180 19.91 11.05 2.97
C HIS A 180 19.08 11.65 4.14
N PHE A 181 18.48 10.82 4.99
CA PHE A 181 17.60 11.30 6.09
C PHE A 181 18.43 12.03 7.15
N LEU A 182 19.54 11.43 7.53
CA LEU A 182 20.37 12.06 8.59
C LEU A 182 20.90 13.43 8.11
N GLU A 183 21.20 13.58 6.82
CA GLU A 183 21.71 14.87 6.29
C GLU A 183 20.55 15.78 5.98
N HIS A 184 19.56 15.36 5.21
CA HIS A 184 18.52 16.30 4.71
C HIS A 184 17.66 16.76 5.88
N TRP A 185 17.42 15.94 6.92
CA TRP A 185 16.49 16.31 8.02
C TRP A 185 17.22 17.18 9.08
N SER A 186 18.55 17.31 8.99
CA SER A 186 19.40 18.10 9.92
C SER A 186 19.64 19.46 9.33
N HIS A 187 19.75 20.48 10.17
CA HIS A 187 20.30 21.79 9.77
C HIS A 187 21.83 21.70 9.88
N ARG A 188 22.30 21.17 11.01
CA ARG A 188 23.70 20.76 11.22
C ARG A 188 23.94 19.40 10.49
N LYS A 189 24.41 19.44 9.23
CA LYS A 189 24.47 18.28 8.30
C LYS A 189 25.52 17.24 8.68
N ASP A 190 26.45 17.58 9.56
CA ASP A 190 27.52 16.65 9.99
C ASP A 190 27.17 16.13 11.39
N ALA A 191 25.98 16.43 11.91
CA ALA A 191 25.56 16.09 13.29
C ALA A 191 25.74 14.59 13.54
N PHE A 192 25.45 13.75 12.56
CA PHE A 192 25.48 12.28 12.75
C PHE A 192 26.80 11.67 12.29
N GLU A 193 27.71 12.45 11.70
CA GLU A 193 28.97 11.90 11.11
C GLU A 193 29.72 10.99 12.12
N PRO A 194 29.88 11.36 13.41
CA PRO A 194 30.61 10.49 14.35
C PRO A 194 29.98 9.12 14.65
N ALA A 195 28.67 8.95 14.40
CA ALA A 195 27.96 7.67 14.60
C ALA A 195 27.31 7.19 13.30
N PHE A 196 27.67 7.74 12.15
CA PHE A 196 27.04 7.35 10.88
C PHE A 196 27.18 5.84 10.69
N GLU A 197 28.37 5.28 10.85
CA GLU A 197 28.57 3.81 10.60
C GLU A 197 27.85 2.97 11.68
N LEU A 198 27.61 3.54 12.86
CA LEU A 198 26.77 2.87 13.91
C LEU A 198 25.32 2.78 13.41
N TRP A 199 24.79 3.83 12.80
CA TRP A 199 23.45 3.79 12.19
C TRP A 199 23.40 2.73 11.10
N ILE A 200 24.39 2.67 10.22
CA ILE A 200 24.35 1.69 9.11
C ILE A 200 24.46 0.26 9.70
N ASP A 201 25.32 0.05 10.69
CA ASP A 201 25.38 -1.28 11.36
C ASP A 201 23.99 -1.63 11.89
N ASN A 202 23.25 -0.65 12.41
CA ASN A 202 21.93 -0.89 13.01
C ASN A 202 20.94 -1.32 11.94
N PHE A 203 20.91 -0.65 10.78
CA PHE A 203 19.96 -0.93 9.68
C PHE A 203 20.45 -2.13 8.83
N MET A 204 21.62 -2.73 9.10
CA MET A 204 22.04 -4.01 8.47
C MET A 204 21.63 -5.22 9.33
N LYS A 205 21.23 -4.99 10.57
CA LYS A 205 20.77 -6.06 11.48
C LYS A 205 19.52 -6.69 10.88
N PRO A 206 19.44 -8.03 10.80
CA PRO A 206 18.31 -8.66 10.15
C PRO A 206 17.00 -8.15 10.77
N GLY A 207 16.07 -7.69 9.94
CA GLY A 207 14.77 -7.22 10.39
C GLY A 207 14.67 -5.72 10.61
N ASN A 208 15.77 -4.97 10.73
CA ASN A 208 15.64 -3.54 11.16
C ASN A 208 15.11 -2.66 10.04
N LEU A 209 15.24 -3.03 8.77
CA LEU A 209 14.49 -2.27 7.72
C LEU A 209 12.99 -2.49 7.90
N ARG A 210 12.59 -3.76 7.89
CA ARG A 210 11.16 -4.16 7.97
C ARG A 210 10.52 -3.61 9.24
N GLY A 211 11.21 -3.77 10.39
CA GLY A 211 10.69 -3.34 11.70
C GLY A 211 10.41 -1.87 11.76
N GLY A 212 11.28 -1.06 11.17
CA GLY A 212 11.03 0.39 11.11
C GLY A 212 9.96 0.72 10.09
N PHE A 213 9.98 0.05 8.94
CA PHE A 213 8.96 0.30 7.87
C PHE A 213 7.56 -0.08 8.40
N ASP A 214 7.46 -1.00 9.38
CA ASP A 214 6.18 -1.42 10.02
C ASP A 214 5.45 -0.22 10.62
N TRP A 215 6.16 0.81 11.07
CA TRP A 215 5.53 2.03 11.62
C TRP A 215 4.69 2.68 10.53
N TYR A 216 5.25 2.79 9.33
CA TYR A 216 4.60 3.49 8.18
C TYR A 216 3.38 2.67 7.72
N ARG A 217 3.47 1.34 7.69
CA ARG A 217 2.31 0.44 7.45
C ARG A 217 1.26 0.70 8.53
N SER A 218 1.63 0.85 9.81
CA SER A 218 0.68 0.92 10.94
C SER A 218 -0.04 2.27 10.95
N GLN A 219 0.57 3.34 10.46
CA GLN A 219 0.03 4.70 10.54
C GLN A 219 -0.69 5.08 9.25
N ASN A 220 -0.56 4.27 8.23
CA ASN A 220 -1.00 4.70 6.87
C ASN A 220 -2.51 5.07 6.85
N ALA A 221 -3.40 4.20 7.35
CA ALA A 221 -4.86 4.44 7.33
C ALA A 221 -5.19 5.75 8.05
N LEU A 222 -4.60 5.99 9.22
CA LEU A 222 -4.79 7.20 10.08
C LEU A 222 -4.31 8.47 9.35
N ARG A 223 -3.12 8.43 8.76
CA ARG A 223 -2.54 9.55 7.99
C ARG A 223 -3.43 9.87 6.79
N LEU A 224 -3.89 8.87 6.05
CA LEU A 224 -4.75 9.12 4.87
C LEU A 224 -6.04 9.81 5.32
N ALA A 225 -6.66 9.37 6.44
CA ALA A 225 -7.93 9.95 6.95
C ALA A 225 -7.71 11.40 7.35
N ALA A 226 -6.62 11.66 8.06
CA ALA A 226 -6.23 13.02 8.48
C ALA A 226 -6.02 13.87 7.24
N ILE A 227 -5.31 13.36 6.24
CA ILE A 227 -5.06 14.17 5.00
C ILE A 227 -6.40 14.57 4.37
N ASP A 228 -7.41 13.72 4.43
CA ASP A 228 -8.73 14.02 3.81
C ASP A 228 -9.62 14.78 4.81
N GLY A 229 -9.08 15.35 5.90
CA GLY A 229 -9.83 16.18 6.88
C GLY A 229 -10.75 15.37 7.81
N HIS A 230 -10.45 14.10 8.12
CA HIS A 230 -11.20 13.26 9.10
C HIS A 230 -10.24 12.81 10.19
N PRO A 231 -9.77 13.72 11.06
CA PRO A 231 -8.78 13.34 12.06
C PRO A 231 -9.41 12.42 13.13
N THR A 232 -8.57 11.64 13.81
CA THR A 232 -8.98 10.76 14.94
C THR A 232 -9.30 11.66 16.14
N PRO A 233 -10.56 11.67 16.65
CA PRO A 233 -10.88 12.52 17.81
C PRO A 233 -10.12 11.96 19.03
N SER A 234 -9.79 12.85 19.97
CA SER A 234 -9.08 12.48 21.22
C SER A 234 -9.28 13.59 22.23
N VAL A 235 -9.02 13.23 23.49
CA VAL A 235 -9.08 14.15 24.65
C VAL A 235 -7.72 14.88 24.76
N ARG A 236 -7.76 16.13 25.20
CA ARG A 236 -6.54 16.90 25.52
C ARG A 236 -5.69 16.12 26.53
N ILE A 237 -4.39 16.27 26.39
CA ILE A 237 -3.38 15.78 27.35
C ILE A 237 -3.29 16.78 28.48
N HIS A 238 -3.39 16.30 29.72
CA HIS A 238 -3.51 17.13 30.94
C HIS A 238 -2.13 17.40 31.55
N GLN A 239 -1.20 16.48 31.43
CA GLN A 239 0.13 16.58 32.09
C GLN A 239 0.89 17.79 31.60
N PRO A 240 1.67 18.45 32.49
CA PRO A 240 2.53 19.57 32.12
C PRO A 240 3.48 19.13 30.99
N THR A 241 3.55 19.99 29.98
CA THR A 241 4.20 19.71 28.70
C THR A 241 5.11 20.87 28.33
N ARG A 242 6.28 20.55 27.80
CA ARG A 242 7.22 21.48 27.16
C ARG A 242 7.46 21.00 25.72
N VAL A 243 7.32 21.90 24.77
CA VAL A 243 7.68 21.60 23.36
C VAL A 243 8.83 22.49 22.97
N HIS A 244 9.94 21.90 22.55
CA HIS A 244 11.14 22.63 22.08
C HIS A 244 11.48 22.18 20.66
N TRP A 245 10.83 22.80 19.68
CA TRP A 245 10.78 22.35 18.29
C TRP A 245 12.01 22.87 17.52
N GLY A 246 12.64 22.03 16.72
CA GLY A 246 13.69 22.45 15.79
C GLY A 246 13.11 23.39 14.73
N ARG A 247 13.58 24.65 14.67
CA ARG A 247 13.00 25.69 13.79
C ARG A 247 13.16 25.26 12.32
N HIS A 248 14.23 24.55 11.94
CA HIS A 248 14.56 24.24 10.52
C HIS A 248 14.09 22.82 10.17
N ASP A 249 13.27 22.16 11.01
CA ASP A 249 12.82 20.76 10.79
C ASP A 249 12.08 20.77 9.45
N PRO A 250 12.57 20.09 8.39
CA PRO A 250 11.91 20.11 7.08
C PRO A 250 10.76 19.08 6.97
N ILE A 251 10.67 18.09 7.87
CA ILE A 251 9.63 17.00 7.77
C ILE A 251 8.47 17.30 8.73
N LEU A 252 8.75 17.55 10.01
CA LEU A 252 7.73 18.04 10.96
C LEU A 252 7.91 19.55 11.11
N LYS A 253 7.17 20.33 10.33
CA LYS A 253 7.38 21.78 10.21
C LYS A 253 7.15 22.44 11.57
N SER A 254 8.03 23.35 11.97
CA SER A 254 7.94 24.09 13.26
C SER A 254 6.61 24.87 13.34
N GLU A 255 6.05 25.31 12.20
CA GLU A 255 4.73 26.00 12.15
C GLU A 255 3.62 25.12 12.74
N TRP A 256 3.77 23.80 12.75
CA TRP A 256 2.74 22.89 13.29
C TRP A 256 2.67 22.97 14.83
N SER A 257 3.60 23.66 15.48
CA SER A 257 3.51 24.04 16.92
C SER A 257 2.17 24.73 17.20
N ALA A 258 1.60 25.40 16.20
CA ALA A 258 0.33 26.18 16.32
C ALA A 258 -0.80 25.22 16.69
N PHE A 259 -0.68 23.93 16.39
CA PHE A 259 -1.73 22.93 16.68
C PHE A 259 -1.60 22.38 18.10
N VAL A 260 -0.53 22.66 18.82
CA VAL A 260 -0.26 22.03 20.15
C VAL A 260 -1.34 22.47 21.13
N PRO A 261 -1.72 23.74 21.24
CA PRO A 261 -2.69 24.14 22.27
C PRO A 261 -4.04 23.42 22.16
N GLU A 262 -4.47 23.10 20.94
CA GLU A 262 -5.69 22.27 20.65
C GLU A 262 -5.63 20.89 21.33
N HIS A 263 -4.46 20.34 21.63
CA HIS A 263 -4.35 18.93 22.11
C HIS A 263 -3.80 18.84 23.53
N PHE A 264 -3.34 19.95 24.13
CA PHE A 264 -2.66 19.99 25.46
C PHE A 264 -3.28 21.10 26.29
N ASP A 265 -3.70 20.80 27.51
CA ASP A 265 -4.17 21.81 28.50
C ASP A 265 -3.01 22.73 28.85
N ASP A 266 -1.79 22.22 28.96
CA ASP A 266 -0.71 22.97 29.68
C ASP A 266 0.63 22.77 28.96
N ALA A 267 0.78 23.29 27.74
CA ALA A 267 2.03 23.16 26.96
C ALA A 267 2.74 24.50 26.85
N ARG A 268 3.99 24.57 27.24
CA ARG A 268 4.86 25.73 26.95
C ARG A 268 5.67 25.45 25.67
N ILE A 269 5.64 26.36 24.70
CA ILE A 269 6.22 26.13 23.35
C ILE A 269 7.44 27.02 23.15
N SER A 270 8.56 26.45 22.74
CA SER A 270 9.78 27.19 22.35
C SER A 270 10.42 26.52 21.14
N PHE A 271 11.41 27.17 20.57
CA PHE A 271 12.05 26.72 19.33
C PHE A 271 13.55 26.61 19.56
N CYS A 272 14.15 25.56 19.03
CA CYS A 272 15.62 25.51 18.88
C CYS A 272 15.96 26.14 17.53
N GLU A 273 16.63 27.31 17.54
CA GLU A 273 16.84 28.14 16.33
C GLU A 273 17.88 27.51 15.42
N SER A 274 18.76 26.63 15.93
CA SER A 274 19.94 26.12 15.18
C SER A 274 19.74 24.67 14.70
N ALA A 275 18.61 24.04 14.99
CA ALA A 275 18.38 22.61 14.70
C ALA A 275 17.30 22.42 13.65
N GLY A 276 17.42 21.34 12.91
CA GLY A 276 16.31 20.74 12.14
C GLY A 276 15.58 19.69 12.94
N HIS A 277 15.51 18.46 12.44
CA HIS A 277 14.60 17.43 12.99
C HIS A 277 15.19 16.79 14.25
N PHE A 278 16.49 16.84 14.47
CA PHE A 278 17.13 16.05 15.56
C PHE A 278 17.71 17.02 16.57
N VAL A 279 16.86 17.77 17.26
CA VAL A 279 17.32 18.80 18.24
C VAL A 279 18.31 18.17 19.24
N HIS A 280 18.01 16.99 19.76
CA HIS A 280 18.81 16.31 20.83
C HIS A 280 20.18 15.84 20.31
N VAL A 281 20.41 15.83 18.98
CA VAL A 281 21.74 15.45 18.39
C VAL A 281 22.42 16.71 17.83
N GLU A 282 21.67 17.56 17.14
CA GLU A 282 22.18 18.76 16.46
C GLU A 282 22.55 19.82 17.51
N ALA A 283 21.78 19.99 18.59
CA ALA A 283 21.99 21.08 19.56
C ALA A 283 21.92 20.51 20.99
N PRO A 284 22.78 19.52 21.29
CA PRO A 284 22.69 18.78 22.54
C PRO A 284 22.89 19.63 23.80
N ASP A 285 23.71 20.69 23.75
CA ASP A 285 23.97 21.51 24.96
C ASP A 285 22.67 22.23 25.29
N GLU A 286 22.04 22.82 24.29
CA GLU A 286 20.78 23.59 24.49
C GLU A 286 19.67 22.60 24.87
N ALA A 287 19.60 21.44 24.19
CA ALA A 287 18.60 20.39 24.48
C ALA A 287 18.77 19.91 25.93
N ALA A 288 20.00 19.68 26.38
CA ALA A 288 20.26 19.21 27.77
C ALA A 288 19.77 20.26 28.77
N ASP A 289 19.99 21.54 28.48
CA ASP A 289 19.59 22.69 29.35
C ASP A 289 18.08 22.79 29.41
N VAL A 290 17.39 22.66 28.28
CA VAL A 290 15.89 22.64 28.29
C VAL A 290 15.40 21.43 29.11
N LEU A 291 15.96 20.25 28.92
CA LEU A 291 15.56 19.06 29.70
C LEU A 291 15.82 19.34 31.19
N ALA A 292 17.02 19.75 31.56
CA ALA A 292 17.41 19.92 32.99
C ALA A 292 16.44 20.93 33.64
N GLU A 293 16.09 21.99 32.92
CA GLU A 293 15.20 23.07 33.43
C GLU A 293 13.79 22.51 33.62
N PHE A 294 13.20 21.90 32.60
CA PHE A 294 11.81 21.42 32.63
C PHE A 294 11.64 20.31 33.68
N PHE A 295 12.62 19.40 33.76
CA PHE A 295 12.57 18.26 34.70
C PHE A 295 13.20 18.63 36.07
N GLY A 296 13.50 19.90 36.37
CA GLY A 296 13.90 20.39 37.72
C GLY A 296 12.67 20.84 38.54
N SER B 3 7.12 -11.19 -31.63
CA SER B 3 6.62 -10.37 -30.48
C SER B 3 6.11 -9.01 -30.98
N ASP B 4 5.40 -8.27 -30.13
CA ASP B 4 4.98 -6.88 -30.47
C ASP B 4 6.19 -5.94 -30.56
N PHE B 5 7.37 -6.36 -30.09
CA PHE B 5 8.64 -5.60 -30.10
C PHE B 5 9.57 -6.04 -31.23
N ALA B 6 9.15 -6.89 -32.17
CA ALA B 6 9.97 -7.18 -33.38
C ALA B 6 10.24 -5.86 -34.13
N THR B 7 11.34 -5.82 -34.89
CA THR B 7 11.67 -4.69 -35.80
C THR B 7 10.67 -4.66 -36.96
N PRO B 8 9.86 -3.58 -37.14
CA PRO B 8 8.95 -3.51 -38.27
C PRO B 8 9.71 -3.18 -39.55
N PRO B 9 9.20 -3.62 -40.71
CA PRO B 9 9.79 -3.17 -41.97
C PRO B 9 9.67 -1.64 -42.11
N GLY B 10 10.71 -1.02 -42.67
CA GLY B 10 10.77 0.41 -42.96
C GLY B 10 11.39 1.25 -41.86
N LEU B 11 11.78 0.63 -40.74
CA LEU B 11 12.26 1.40 -39.57
C LEU B 11 13.62 1.99 -39.86
N ARG B 12 13.79 3.30 -39.74
CA ARG B 12 15.08 4.02 -39.92
C ARG B 12 15.42 4.80 -38.65
N HIS B 13 16.71 4.98 -38.37
CA HIS B 13 17.23 5.71 -37.19
C HIS B 13 18.12 6.88 -37.64
N ARG B 14 17.92 8.07 -37.09
CA ARG B 14 18.79 9.25 -37.31
C ARG B 14 19.16 9.93 -35.98
N GLN B 15 20.33 10.56 -35.93
CA GLN B 15 20.70 11.53 -34.87
C GLN B 15 20.47 12.90 -35.51
N ILE B 16 19.49 13.68 -35.03
CA ILE B 16 19.13 15.00 -35.62
C ILE B 16 19.41 16.13 -34.62
N ALA B 17 20.17 17.12 -35.09
CA ALA B 17 20.53 18.35 -34.34
C ALA B 17 19.25 19.17 -34.24
N VAL B 18 18.76 19.42 -33.02
CA VAL B 18 17.58 20.32 -32.84
C VAL B 18 17.92 21.26 -31.69
N ARG B 19 17.69 22.57 -31.88
CA ARG B 19 18.01 23.58 -30.84
C ARG B 19 19.43 23.30 -30.34
N ASP B 20 19.65 23.16 -29.02
CA ASP B 20 20.99 23.02 -28.42
C ASP B 20 21.27 21.56 -28.13
N THR B 21 20.62 20.62 -28.80
CA THR B 21 20.84 19.20 -28.48
C THR B 21 20.84 18.36 -29.77
N THR B 22 21.02 17.05 -29.62
CA THR B 22 20.93 16.01 -30.67
C THR B 22 19.94 14.96 -30.19
N LEU B 23 18.89 14.69 -30.98
CA LEU B 23 17.87 13.66 -30.70
C LEU B 23 18.10 12.44 -31.59
N HIS B 24 17.96 11.27 -31.00
CA HIS B 24 17.69 10.00 -31.71
C HIS B 24 16.24 10.03 -32.18
N VAL B 25 16.02 9.89 -33.49
CA VAL B 25 14.67 9.85 -34.08
C VAL B 25 14.53 8.56 -34.88
N ALA B 26 13.56 7.72 -34.49
CA ALA B 26 13.12 6.54 -35.28
C ALA B 26 12.00 6.97 -36.20
N GLU B 27 12.03 6.52 -37.44
CA GLU B 27 11.08 6.93 -38.47
C GLU B 27 10.66 5.71 -39.29
N ILE B 28 9.40 5.72 -39.69
CA ILE B 28 8.84 4.76 -40.70
C ILE B 28 8.13 5.60 -41.75
N GLY B 29 8.52 5.48 -43.01
CA GLY B 29 7.94 6.25 -44.14
C GLY B 29 8.47 7.66 -44.24
N SER B 30 8.07 8.40 -45.28
CA SER B 30 8.39 9.84 -45.46
C SER B 30 7.18 10.65 -45.93
N GLY B 31 6.20 9.99 -46.56
CA GLY B 31 5.01 10.63 -47.14
C GLY B 31 3.73 10.19 -46.44
N GLY B 32 2.58 10.50 -47.05
CA GLY B 32 1.25 10.31 -46.44
C GLY B 32 1.15 11.05 -45.11
N THR B 33 0.23 10.64 -44.24
CA THR B 33 -0.14 11.39 -43.01
C THR B 33 0.99 11.20 -42.01
N PRO B 34 1.65 12.29 -41.56
CA PRO B 34 2.68 12.21 -40.52
C PRO B 34 2.06 12.22 -39.13
N VAL B 35 2.57 11.36 -38.29
CA VAL B 35 2.10 11.24 -36.88
C VAL B 35 3.35 11.19 -35.99
N LEU B 36 3.49 12.18 -35.15
CA LEU B 36 4.58 12.28 -34.16
C LEU B 36 4.13 11.57 -32.87
N LEU B 37 4.93 10.61 -32.42
CA LEU B 37 4.69 9.79 -31.21
C LEU B 37 5.64 10.23 -30.10
N LEU B 38 5.10 10.63 -28.95
CA LEU B 38 5.89 11.15 -27.80
C LEU B 38 5.74 10.23 -26.57
N HIS B 39 6.82 9.51 -26.26
CA HIS B 39 6.84 8.54 -25.14
C HIS B 39 6.78 9.25 -23.77
N GLY B 40 6.69 8.45 -22.72
CA GLY B 40 6.66 8.94 -21.34
C GLY B 40 7.85 8.47 -20.55
N TRP B 41 7.73 8.55 -19.23
CA TRP B 41 8.68 7.92 -18.28
C TRP B 41 8.00 6.70 -17.67
N PRO B 42 8.61 5.49 -17.56
CA PRO B 42 9.99 5.16 -17.91
C PRO B 42 10.15 4.47 -19.26
N GLU B 43 10.21 5.26 -20.31
CA GLU B 43 10.14 4.77 -21.69
C GLU B 43 11.19 5.53 -22.52
N PHE B 44 11.11 5.28 -23.82
CA PHE B 44 11.98 5.74 -24.91
C PHE B 44 11.25 5.32 -26.18
N TRP B 45 11.83 5.58 -27.32
CA TRP B 45 11.11 5.46 -28.61
C TRP B 45 10.51 4.05 -28.75
N ALA B 46 11.13 3.03 -28.15
CA ALA B 46 10.81 1.60 -28.41
C ALA B 46 9.44 1.23 -27.81
N THR B 47 8.84 2.10 -27.00
CA THR B 47 7.52 1.87 -26.42
C THR B 47 6.54 1.89 -27.59
N TRP B 48 6.94 2.47 -28.73
CA TRP B 48 6.04 2.61 -29.91
C TRP B 48 6.15 1.39 -30.83
N LEU B 49 7.03 0.43 -30.55
CA LEU B 49 7.21 -0.72 -31.47
C LEU B 49 5.89 -1.48 -31.66
N PRO B 50 5.10 -1.82 -30.63
CA PRO B 50 3.81 -2.46 -30.87
C PRO B 50 2.92 -1.73 -31.89
N LEU B 51 2.70 -0.42 -31.78
CA LEU B 51 1.88 0.33 -32.76
C LEU B 51 2.58 0.39 -34.13
N MET B 52 3.90 0.54 -34.18
CA MET B 52 4.63 0.63 -35.47
C MET B 52 4.40 -0.69 -36.22
N ASN B 53 4.40 -1.81 -35.51
CA ASN B 53 4.23 -3.15 -36.14
C ASN B 53 2.83 -3.26 -36.75
N ARG B 54 1.89 -2.41 -36.33
CA ARG B 54 0.48 -2.48 -36.81
C ARG B 54 0.22 -1.42 -37.86
N LEU B 55 1.01 -0.35 -37.90
CA LEU B 55 0.66 0.87 -38.65
C LEU B 55 1.74 1.17 -39.69
N HIS B 56 2.75 0.32 -39.85
CA HIS B 56 3.93 0.66 -40.70
C HIS B 56 3.56 0.88 -42.18
N ASP B 57 2.45 0.35 -42.69
CA ASP B 57 2.03 0.54 -44.11
C ASP B 57 0.97 1.63 -44.23
N GLN B 58 0.72 2.42 -43.22
CA GLN B 58 -0.49 3.31 -43.22
C GLN B 58 -0.11 4.73 -42.91
N PHE B 59 1.06 4.97 -42.30
CA PHE B 59 1.43 6.33 -41.81
C PHE B 59 2.92 6.57 -41.94
N HIS B 60 3.26 7.85 -41.95
CA HIS B 60 4.63 8.32 -41.65
C HIS B 60 4.73 8.50 -40.12
N LEU B 61 5.38 7.57 -39.47
CA LEU B 61 5.54 7.58 -38.00
C LEU B 61 6.89 8.17 -37.65
N ILE B 62 6.89 9.10 -36.71
CA ILE B 62 8.11 9.77 -36.19
C ILE B 62 8.16 9.58 -34.69
N ALA B 63 9.14 8.83 -34.21
CA ALA B 63 9.24 8.48 -32.79
C ALA B 63 10.59 8.89 -32.22
N PRO B 64 10.71 10.13 -31.68
CA PRO B 64 11.97 10.56 -31.08
C PRO B 64 12.15 10.00 -29.68
N ASP B 65 13.40 9.91 -29.28
CA ASP B 65 13.79 9.93 -27.85
C ASP B 65 13.79 11.39 -27.42
N LEU B 66 12.97 11.75 -26.45
CA LEU B 66 13.02 13.13 -25.91
C LEU B 66 14.44 13.41 -25.35
N ARG B 67 14.76 14.69 -25.22
CA ARG B 67 16.05 15.12 -24.67
C ARG B 67 16.22 14.47 -23.30
N GLY B 68 17.34 13.81 -23.08
CA GLY B 68 17.65 13.10 -21.81
C GLY B 68 17.07 11.71 -21.73
N PHE B 69 16.50 11.16 -22.80
CA PHE B 69 16.06 9.76 -22.86
C PHE B 69 16.72 8.97 -24.01
N GLY B 70 16.59 7.66 -23.90
CA GLY B 70 16.98 6.70 -24.96
C GLY B 70 18.39 6.95 -25.44
N ASP B 71 18.55 7.17 -26.73
CA ASP B 71 19.84 7.49 -27.40
C ASP B 71 19.96 9.00 -27.72
N SER B 72 19.08 9.85 -27.23
CA SER B 72 19.26 11.31 -27.35
C SER B 72 20.33 11.78 -26.38
N GLU B 73 20.89 12.95 -26.64
CA GLU B 73 21.94 13.60 -25.78
C GLU B 73 21.43 13.80 -24.35
N LYS B 74 22.29 13.56 -23.36
CA LYS B 74 22.07 13.88 -21.94
C LYS B 74 23.01 14.99 -21.52
N SER B 75 22.62 15.78 -20.52
CA SER B 75 23.53 16.71 -19.81
C SER B 75 24.37 15.93 -18.81
N ALA B 76 25.51 16.49 -18.41
CA ALA B 76 26.48 15.86 -17.47
C ALA B 76 25.93 15.91 -16.05
N VAL B 77 25.23 16.97 -15.65
CA VAL B 77 24.73 17.11 -14.25
C VAL B 77 23.22 17.30 -14.24
N PRO B 78 22.59 17.05 -13.07
CA PRO B 78 21.13 17.19 -12.92
C PRO B 78 20.67 18.61 -13.28
N ARG B 79 19.48 18.70 -13.87
CA ARG B 79 18.87 19.93 -14.43
C ARG B 79 17.45 20.08 -13.89
N SER B 80 16.89 21.29 -13.90
CA SER B 80 15.45 21.52 -13.62
C SER B 80 14.79 22.42 -14.68
N ASP B 81 15.35 22.51 -15.89
CA ASP B 81 14.86 23.45 -16.94
C ASP B 81 14.49 22.63 -18.17
N VAL B 82 14.22 21.33 -18.02
CA VAL B 82 13.88 20.45 -19.18
C VAL B 82 12.44 19.92 -18.98
N GLY B 83 11.47 20.84 -19.01
CA GLY B 83 10.06 20.54 -18.75
C GLY B 83 9.26 20.42 -20.05
N ALA B 84 7.96 20.63 -19.94
CA ALA B 84 7.02 20.47 -21.06
C ALA B 84 7.40 21.47 -22.14
N ASN B 85 7.72 22.71 -21.78
CA ASN B 85 7.97 23.80 -22.75
C ASN B 85 9.25 23.50 -23.52
N SER B 86 10.27 22.96 -22.85
CA SER B 86 11.55 22.59 -23.48
C SER B 86 11.32 21.44 -24.48
N HIS B 87 10.55 20.41 -24.11
CA HIS B 87 10.25 19.25 -24.99
C HIS B 87 9.44 19.74 -26.18
N ALA B 88 8.50 20.65 -25.96
CA ALA B 88 7.63 21.20 -27.02
C ALA B 88 8.47 21.94 -28.06
N ASP B 89 9.37 22.80 -27.60
CA ASP B 89 10.24 23.62 -28.49
C ASP B 89 11.23 22.69 -29.22
N ASP B 90 11.73 21.65 -28.58
CA ASP B 90 12.56 20.63 -29.29
C ASP B 90 11.73 19.99 -30.43
N MET B 91 10.47 19.65 -30.20
CA MET B 91 9.67 18.94 -31.22
C MET B 91 9.35 19.89 -32.37
N ALA B 92 9.10 21.18 -32.08
CA ALA B 92 8.89 22.24 -33.09
C ALA B 92 10.11 22.31 -34.00
N ALA B 93 11.31 22.27 -33.46
CA ALA B 93 12.57 22.36 -34.23
C ALA B 93 12.78 21.02 -34.99
N LEU B 94 12.42 19.88 -34.41
CA LEU B 94 12.53 18.58 -35.13
C LEU B 94 11.57 18.58 -36.33
N LEU B 95 10.34 19.09 -36.18
CA LEU B 95 9.39 19.13 -37.33
C LEU B 95 10.00 20.02 -38.45
N GLY B 96 10.59 21.17 -38.14
CA GLY B 96 11.33 22.03 -39.11
C GLY B 96 12.48 21.28 -39.78
N ALA B 97 13.30 20.53 -39.03
CA ALA B 97 14.39 19.72 -39.62
C ALA B 97 13.83 18.64 -40.57
N LEU B 98 12.69 18.01 -40.29
CA LEU B 98 12.11 16.97 -41.19
C LEU B 98 11.32 17.63 -42.32
N GLY B 99 11.15 18.95 -42.32
CA GLY B 99 10.40 19.68 -43.36
C GLY B 99 8.92 19.44 -43.26
N LEU B 100 8.39 19.31 -42.05
CA LEU B 100 6.96 18.99 -41.85
C LEU B 100 6.24 20.24 -41.34
N GLU B 101 5.31 20.75 -42.12
CA GLU B 101 4.60 22.00 -41.78
C GLU B 101 3.53 21.67 -40.73
N SER B 102 2.96 20.47 -40.73
CA SER B 102 1.95 20.12 -39.69
C SER B 102 1.74 18.60 -39.58
N VAL B 103 1.46 18.14 -38.36
CA VAL B 103 1.52 16.70 -38.03
C VAL B 103 0.41 16.40 -37.04
N GLY B 104 -0.07 15.17 -37.05
CA GLY B 104 -0.81 14.63 -35.91
C GLY B 104 0.19 14.35 -34.80
N VAL B 105 -0.23 14.45 -33.55
CA VAL B 105 0.67 14.19 -32.40
C VAL B 105 0.00 13.18 -31.48
N VAL B 106 0.77 12.18 -31.02
CA VAL B 106 0.30 11.16 -30.04
C VAL B 106 1.16 11.31 -28.80
N GLY B 107 0.54 11.35 -27.62
CA GLY B 107 1.34 11.39 -26.38
C GLY B 107 0.66 10.67 -25.26
N HIS B 108 1.43 10.25 -24.28
CA HIS B 108 0.92 9.89 -22.94
C HIS B 108 2.00 10.26 -21.92
N ASP B 109 1.60 10.46 -20.68
CA ASP B 109 2.54 10.68 -19.55
C ASP B 109 3.34 11.94 -19.89
N VAL B 110 4.67 11.93 -19.83
CA VAL B 110 5.53 13.08 -20.25
C VAL B 110 5.08 13.57 -21.64
N GLY B 111 4.92 12.67 -22.58
CA GLY B 111 4.54 12.99 -23.97
C GLY B 111 3.25 13.77 -24.02
N ALA B 112 2.28 13.47 -23.15
CA ALA B 112 0.99 14.20 -23.10
C ALA B 112 1.25 15.68 -22.73
N TYR B 113 2.07 15.94 -21.70
CA TYR B 113 2.37 17.32 -21.29
C TYR B 113 3.12 18.02 -22.44
N ALA B 114 4.06 17.35 -23.07
CA ALA B 114 4.85 17.92 -24.18
C ALA B 114 3.94 18.21 -25.38
N ALA B 115 2.98 17.33 -25.70
CA ALA B 115 2.03 17.52 -26.82
C ALA B 115 1.12 18.71 -26.53
N GLN B 116 0.62 18.85 -25.30
CA GLN B 116 -0.19 20.02 -24.86
C GLN B 116 0.64 21.29 -25.10
N ALA B 117 1.87 21.31 -24.62
CA ALA B 117 2.76 22.49 -24.71
C ALA B 117 3.05 22.79 -26.19
N LEU B 118 3.18 21.77 -27.05
CA LEU B 118 3.46 21.99 -28.50
C LEU B 118 2.21 22.59 -29.16
N ALA B 119 1.03 22.08 -28.82
CA ALA B 119 -0.28 22.50 -29.38
C ALA B 119 -0.55 23.95 -29.03
N ARG B 120 -0.10 24.39 -27.87
CA ARG B 120 -0.27 25.78 -27.33
C ARG B 120 0.81 26.72 -27.89
N ARG B 121 2.06 26.27 -27.91
CA ARG B 121 3.21 27.16 -28.17
C ARG B 121 3.49 27.26 -29.66
N HIS B 122 3.11 26.25 -30.46
CA HIS B 122 3.37 26.17 -31.92
C HIS B 122 2.17 25.56 -32.60
N PRO B 123 0.99 26.19 -32.42
CA PRO B 123 -0.28 25.61 -32.79
C PRO B 123 -0.37 25.33 -34.29
N GLN B 124 0.33 26.11 -35.11
CA GLN B 124 0.33 25.97 -36.59
C GLN B 124 0.94 24.60 -36.96
N LEU B 125 1.74 23.98 -36.07
CA LEU B 125 2.46 22.73 -36.42
C LEU B 125 1.58 21.50 -36.06
N VAL B 126 0.49 21.67 -35.33
CA VAL B 126 -0.30 20.51 -34.82
C VAL B 126 -1.68 20.53 -35.47
N ASP B 127 -1.98 19.50 -36.27
CA ASP B 127 -3.30 19.32 -36.94
C ASP B 127 -4.31 18.72 -35.95
N ARG B 128 -3.91 17.70 -35.16
CA ARG B 128 -4.80 17.01 -34.21
C ARG B 128 -3.97 16.22 -33.21
N LEU B 129 -4.60 15.81 -32.13
CA LEU B 129 -3.92 15.22 -30.96
C LEU B 129 -4.65 13.98 -30.52
N LEU B 130 -3.90 12.91 -30.27
CA LEU B 130 -4.38 11.71 -29.58
C LEU B 130 -3.58 11.57 -28.30
N PHE B 131 -4.27 11.39 -27.20
CA PHE B 131 -3.71 11.08 -25.87
C PHE B 131 -4.18 9.71 -25.45
N PHE B 132 -3.30 8.91 -24.87
CA PHE B 132 -3.64 7.62 -24.20
C PHE B 132 -3.81 7.80 -22.69
N ASN B 133 -3.52 8.99 -22.19
CA ASN B 133 -3.97 9.49 -20.86
C ASN B 133 -3.72 10.96 -21.02
N CYS B 134 -4.45 11.82 -20.32
CA CYS B 134 -4.39 13.25 -20.62
C CYS B 134 -4.50 14.03 -19.32
N PRO B 135 -3.40 14.02 -18.54
CA PRO B 135 -3.31 14.81 -17.31
C PRO B 135 -3.33 16.30 -17.65
N THR B 136 -4.07 17.06 -16.85
CA THR B 136 -4.22 18.54 -16.91
C THR B 136 -3.92 19.19 -15.55
N ALA B 137 -3.71 20.50 -15.56
CA ALA B 137 -3.47 21.30 -14.34
C ALA B 137 -4.69 21.18 -13.41
N SER B 138 -5.88 20.84 -13.92
CA SER B 138 -7.14 20.73 -13.11
C SER B 138 -7.13 19.53 -12.17
N VAL B 139 -6.28 18.55 -12.38
CA VAL B 139 -6.23 17.38 -11.46
C VAL B 139 -6.01 17.95 -10.06
N GLY B 140 -5.02 18.82 -9.91
CA GLY B 140 -4.91 19.65 -8.70
C GLY B 140 -4.76 18.79 -7.46
N GLY B 141 -5.67 18.91 -6.51
CA GLY B 141 -5.58 18.22 -5.21
C GLY B 141 -5.76 16.72 -5.34
N ALA B 142 -6.38 16.26 -6.43
CA ALA B 142 -6.61 14.82 -6.68
C ALA B 142 -5.29 14.07 -6.79
N TRP B 143 -4.16 14.75 -6.99
CA TRP B 143 -2.84 14.10 -6.96
C TRP B 143 -2.56 13.51 -5.56
N VAL B 144 -3.08 14.11 -4.51
CA VAL B 144 -2.63 13.72 -3.13
C VAL B 144 -3.79 13.32 -2.22
N HIS B 145 -5.05 13.53 -2.61
CA HIS B 145 -6.23 13.24 -1.75
C HIS B 145 -6.77 11.85 -2.09
N HIS B 146 -7.67 11.33 -1.23
CA HIS B 146 -8.40 10.05 -1.46
C HIS B 146 -7.38 8.92 -1.62
N GLY B 147 -6.26 8.99 -0.88
CA GLY B 147 -5.27 7.90 -0.87
C GLY B 147 -4.22 8.05 -1.97
N HIS B 148 -4.40 9.00 -2.90
CA HIS B 148 -3.54 9.07 -4.11
C HIS B 148 -2.12 9.46 -3.71
N VAL B 149 -1.92 10.06 -2.54
CA VAL B 149 -0.54 10.37 -2.12
C VAL B 149 0.33 9.09 -2.16
N ASN B 150 -0.22 7.90 -1.90
CA ASN B 150 0.61 6.66 -1.86
C ASN B 150 1.15 6.28 -3.25
N GLU B 151 0.53 6.77 -4.34
CA GLU B 151 0.93 6.47 -5.75
C GLU B 151 2.03 7.43 -6.26
N VAL B 152 2.14 8.65 -5.75
CA VAL B 152 2.98 9.72 -6.38
C VAL B 152 4.35 9.82 -5.71
N TRP B 153 4.65 8.96 -4.73
CA TRP B 153 5.95 9.02 -4.01
C TRP B 153 7.10 9.14 -5.02
N TYR B 154 7.03 8.45 -6.16
CA TYR B 154 8.19 8.32 -7.10
C TYR B 154 8.50 9.71 -7.71
N GLN B 155 7.50 10.60 -7.80
CA GLN B 155 7.69 11.89 -8.47
C GLN B 155 8.66 12.75 -7.63
N SER B 156 8.63 12.59 -6.32
CA SER B 156 9.47 13.35 -5.36
C SER B 156 10.78 12.60 -5.11
N PHE B 157 10.76 11.29 -5.01
CA PHE B 157 11.96 10.47 -4.80
C PHE B 157 12.94 10.69 -5.95
N GLN B 158 12.41 10.75 -7.17
CA GLN B 158 13.22 10.77 -8.41
C GLN B 158 13.90 12.13 -8.57
N GLN B 159 13.47 13.14 -7.85
CA GLN B 159 14.11 14.47 -7.83
C GLN B 159 15.40 14.50 -7.01
N LEU B 160 15.65 13.53 -6.13
CA LEU B 160 16.83 13.50 -5.20
C LEU B 160 18.02 12.81 -5.88
N GLY B 161 19.23 13.31 -5.61
CA GLY B 161 20.48 12.61 -5.94
C GLY B 161 20.47 11.18 -5.46
N LEU B 162 19.84 10.89 -4.31
CA LEU B 162 19.65 9.53 -3.78
C LEU B 162 19.07 8.57 -4.84
N ALA B 163 18.05 9.00 -5.59
CA ALA B 163 17.38 8.14 -6.59
C ALA B 163 18.38 7.66 -7.64
N GLU B 164 19.21 8.56 -8.18
CA GLU B 164 20.22 8.18 -9.21
C GLU B 164 21.27 7.22 -8.62
N ALA B 165 21.74 7.47 -7.41
CA ALA B 165 22.81 6.69 -6.76
C ALA B 165 22.26 5.30 -6.39
N LEU B 166 21.02 5.20 -5.90
CA LEU B 166 20.45 3.93 -5.39
C LEU B 166 20.03 3.07 -6.58
N VAL B 167 19.19 3.63 -7.47
CA VAL B 167 18.63 2.84 -8.60
C VAL B 167 19.80 2.43 -9.49
N GLY B 168 20.80 3.30 -9.61
CA GLY B 168 21.97 3.08 -10.47
C GLY B 168 23.06 2.22 -9.84
N THR B 169 22.82 1.60 -8.68
CA THR B 169 23.84 0.82 -7.94
C THR B 169 24.36 -0.29 -8.84
N SER B 170 23.48 -1.04 -9.48
CA SER B 170 23.85 -2.23 -10.29
C SER B 170 22.75 -2.51 -11.30
N ARG B 171 22.99 -3.48 -12.17
CA ARG B 171 21.92 -3.96 -13.10
C ARG B 171 20.76 -4.47 -12.25
N GLU B 172 21.04 -5.19 -11.16
CA GLU B 172 19.98 -5.83 -10.33
C GLU B 172 19.09 -4.74 -9.68
N THR B 173 19.68 -3.64 -9.17
CA THR B 173 18.88 -2.54 -8.54
C THR B 173 18.07 -1.85 -9.63
N CYS B 174 18.65 -1.62 -10.79
CA CYS B 174 17.96 -0.99 -11.94
C CYS B 174 16.77 -1.87 -12.39
N ALA B 175 16.98 -3.16 -12.57
CA ALA B 175 15.92 -4.11 -12.99
C ALA B 175 14.78 -4.11 -11.97
N LEU B 176 15.12 -4.18 -10.69
CA LEU B 176 14.15 -4.23 -9.57
C LEU B 176 13.29 -2.96 -9.61
N TYR B 177 13.91 -1.80 -9.78
CA TYR B 177 13.20 -0.51 -9.74
C TYR B 177 12.25 -0.41 -10.94
N PHE B 178 12.77 -0.62 -12.15
CA PHE B 178 11.97 -0.42 -13.38
C PHE B 178 10.91 -1.52 -13.50
N ARG B 179 11.16 -2.75 -13.05
CA ARG B 179 10.11 -3.81 -13.06
C ARG B 179 8.92 -3.38 -12.21
N HIS B 180 9.17 -2.76 -11.05
CA HIS B 180 8.11 -2.22 -10.19
C HIS B 180 7.14 -1.39 -11.04
N PHE B 181 7.60 -0.44 -11.82
CA PHE B 181 6.72 0.53 -12.54
C PHE B 181 6.01 -0.18 -13.70
N LEU B 182 6.75 -0.98 -14.47
CA LEU B 182 6.19 -1.67 -15.66
C LEU B 182 5.07 -2.62 -15.21
N GLU B 183 5.23 -3.36 -14.11
CA GLU B 183 4.17 -4.26 -13.57
C GLU B 183 3.08 -3.46 -12.84
N HIS B 184 3.40 -2.62 -11.87
CA HIS B 184 2.39 -1.96 -11.02
C HIS B 184 1.50 -1.04 -11.87
N TRP B 185 2.01 -0.38 -12.90
CA TRP B 185 1.24 0.60 -13.69
C TRP B 185 0.42 -0.10 -14.78
N SER B 186 0.73 -1.35 -15.06
CA SER B 186 0.07 -2.15 -16.13
C SER B 186 -1.13 -2.92 -15.59
N HIS B 187 -2.14 -3.14 -16.41
CA HIS B 187 -3.20 -4.15 -16.11
C HIS B 187 -2.76 -5.48 -16.72
N ARG B 188 -2.20 -5.49 -17.92
CA ARG B 188 -1.61 -6.73 -18.54
C ARG B 188 -0.16 -6.80 -18.11
N LYS B 189 0.08 -7.62 -17.09
CA LYS B 189 1.28 -7.58 -16.22
C LYS B 189 2.52 -8.07 -16.98
N ASP B 190 2.35 -8.82 -18.08
CA ASP B 190 3.47 -9.44 -18.86
C ASP B 190 3.78 -8.64 -20.14
N ALA B 191 3.15 -7.49 -20.34
CA ALA B 191 3.09 -6.84 -21.68
C ALA B 191 4.49 -6.37 -22.06
N PHE B 192 5.35 -6.03 -21.08
CA PHE B 192 6.73 -5.58 -21.38
C PHE B 192 7.72 -6.76 -21.33
N GLU B 193 7.34 -7.97 -20.93
CA GLU B 193 8.35 -9.05 -20.72
C GLU B 193 9.22 -9.27 -21.97
N PRO B 194 8.71 -9.30 -23.23
CA PRO B 194 9.58 -9.54 -24.37
C PRO B 194 10.68 -8.47 -24.53
N ALA B 195 10.45 -7.24 -24.07
CA ALA B 195 11.42 -6.12 -24.24
C ALA B 195 12.14 -5.84 -22.91
N PHE B 196 11.91 -6.61 -21.84
CA PHE B 196 12.39 -6.23 -20.48
C PHE B 196 13.92 -6.03 -20.52
N GLU B 197 14.66 -6.97 -21.11
CA GLU B 197 16.16 -6.89 -21.08
C GLU B 197 16.63 -5.64 -21.83
N LEU B 198 15.94 -5.28 -22.91
CA LEU B 198 16.26 -4.08 -23.71
C LEU B 198 15.90 -2.83 -22.89
N TRP B 199 14.86 -2.88 -22.10
CA TRP B 199 14.43 -1.75 -21.22
C TRP B 199 15.52 -1.48 -20.18
N ILE B 200 16.02 -2.53 -19.55
CA ILE B 200 17.10 -2.37 -18.54
C ILE B 200 18.38 -1.88 -19.23
N ASP B 201 18.76 -2.46 -20.38
CA ASP B 201 19.89 -1.96 -21.17
C ASP B 201 19.75 -0.43 -21.34
N ASN B 202 18.54 0.01 -21.65
CA ASN B 202 18.34 1.47 -21.90
C ASN B 202 18.67 2.27 -20.63
N PHE B 203 18.12 1.87 -19.49
CA PHE B 203 18.27 2.64 -18.23
C PHE B 203 19.63 2.40 -17.57
N MET B 204 20.45 1.49 -18.10
CA MET B 204 21.86 1.27 -17.68
C MET B 204 22.78 2.15 -18.51
N LYS B 205 22.29 2.72 -19.62
CA LYS B 205 23.09 3.68 -20.45
C LYS B 205 23.41 4.88 -19.58
N PRO B 206 24.69 5.31 -19.59
CA PRO B 206 25.13 6.49 -18.84
C PRO B 206 24.22 7.70 -19.10
N GLY B 207 23.66 8.25 -18.04
CA GLY B 207 22.85 9.46 -18.12
C GLY B 207 21.35 9.17 -18.19
N ASN B 208 20.90 7.96 -18.51
CA ASN B 208 19.46 7.70 -18.76
C ASN B 208 18.65 7.69 -17.45
N LEU B 209 19.26 7.40 -16.29
CA LEU B 209 18.57 7.60 -14.99
C LEU B 209 18.35 9.10 -14.80
N ARG B 210 19.44 9.87 -14.78
CA ARG B 210 19.42 11.31 -14.51
C ARG B 210 18.55 12.04 -15.54
N GLY B 211 18.75 11.76 -16.83
CA GLY B 211 17.96 12.41 -17.91
C GLY B 211 16.46 12.28 -17.69
N GLY B 212 15.95 11.09 -17.34
CA GLY B 212 14.51 10.89 -17.11
C GLY B 212 14.07 11.57 -15.82
N PHE B 213 14.92 11.52 -14.79
CA PHE B 213 14.66 12.15 -13.47
C PHE B 213 14.61 13.67 -13.61
N ASP B 214 15.28 14.23 -14.60
CA ASP B 214 15.22 15.70 -14.85
C ASP B 214 13.79 16.19 -15.10
N TRP B 215 12.94 15.36 -15.71
CA TRP B 215 11.54 15.73 -15.99
C TRP B 215 10.84 16.09 -14.67
N TYR B 216 11.05 15.28 -13.66
CA TYR B 216 10.35 15.39 -12.36
C TYR B 216 10.87 16.65 -11.65
N ARG B 217 12.18 16.95 -11.76
CA ARG B 217 12.75 18.21 -11.19
C ARG B 217 12.12 19.41 -11.91
N SER B 218 12.02 19.30 -13.25
CA SER B 218 11.62 20.42 -14.13
C SER B 218 10.13 20.75 -13.93
N GLN B 219 9.27 19.73 -13.69
CA GLN B 219 7.79 19.90 -13.58
C GLN B 219 7.33 20.12 -12.14
N ASN B 220 8.21 20.06 -11.15
CA ASN B 220 7.82 20.09 -9.71
C ASN B 220 7.09 21.39 -9.35
N ALA B 221 7.60 22.56 -9.72
CA ALA B 221 6.93 23.83 -9.33
C ALA B 221 5.50 23.85 -9.87
N LEU B 222 5.28 23.47 -11.13
CA LEU B 222 3.92 23.45 -11.74
C LEU B 222 3.05 22.46 -10.96
N ARG B 223 3.58 21.30 -10.65
CA ARG B 223 2.86 20.24 -9.91
C ARG B 223 2.46 20.81 -8.53
N LEU B 224 3.37 21.45 -7.81
CA LEU B 224 3.06 21.97 -6.45
C LEU B 224 1.98 23.08 -6.53
N ALA B 225 2.01 23.92 -7.56
CA ALA B 225 1.02 25.01 -7.75
C ALA B 225 -0.35 24.35 -7.98
N ALA B 226 -0.43 23.34 -8.85
CA ALA B 226 -1.67 22.59 -9.16
C ALA B 226 -2.24 21.95 -7.89
N ILE B 227 -1.41 21.26 -7.09
CA ILE B 227 -1.86 20.57 -5.85
C ILE B 227 -2.54 21.55 -4.89
N ASP B 228 -2.05 22.78 -4.76
CA ASP B 228 -2.61 23.80 -3.84
C ASP B 228 -3.73 24.58 -4.53
N GLY B 229 -4.16 24.19 -5.71
CA GLY B 229 -5.34 24.78 -6.36
C GLY B 229 -5.04 26.14 -6.98
N HIS B 230 -3.78 26.43 -7.30
CA HIS B 230 -3.33 27.71 -7.94
C HIS B 230 -2.51 27.42 -9.18
N PRO B 231 -2.97 26.61 -10.17
CA PRO B 231 -2.20 26.39 -11.39
C PRO B 231 -2.19 27.68 -12.21
N THR B 232 -1.20 27.89 -13.07
CA THR B 232 -1.23 29.01 -14.05
C THR B 232 -2.34 28.73 -15.05
N PRO B 233 -3.33 29.63 -15.21
CA PRO B 233 -4.35 29.42 -16.24
C PRO B 233 -3.64 29.37 -17.60
N SER B 234 -4.17 28.62 -18.55
CA SER B 234 -3.65 28.51 -19.94
C SER B 234 -4.83 28.59 -20.92
N VAL B 235 -4.53 28.91 -22.16
CA VAL B 235 -5.55 28.98 -23.22
C VAL B 235 -5.97 27.53 -23.51
N ARG B 236 -7.22 27.33 -23.87
CA ARG B 236 -7.72 26.01 -24.35
C ARG B 236 -6.95 25.58 -25.60
N ILE B 237 -6.81 24.28 -25.74
CA ILE B 237 -6.25 23.69 -26.97
C ILE B 237 -7.40 23.62 -27.98
N HIS B 238 -7.22 24.20 -29.16
CA HIS B 238 -8.26 24.36 -30.19
C HIS B 238 -8.26 23.18 -31.17
N GLN B 239 -7.17 22.44 -31.29
CA GLN B 239 -7.07 21.35 -32.30
C GLN B 239 -7.99 20.19 -31.92
N PRO B 240 -8.67 19.55 -32.90
CA PRO B 240 -9.40 18.30 -32.62
C PRO B 240 -8.53 17.30 -31.84
N THR B 241 -9.08 16.77 -30.75
CA THR B 241 -8.42 15.90 -29.78
C THR B 241 -9.22 14.60 -29.55
N ARG B 242 -8.48 13.51 -29.46
CA ARG B 242 -8.97 12.17 -29.16
C ARG B 242 -8.24 11.76 -27.87
N VAL B 243 -8.93 11.22 -26.89
CA VAL B 243 -8.37 10.74 -25.58
C VAL B 243 -8.85 9.30 -25.44
N HIS B 244 -7.94 8.33 -25.35
CA HIS B 244 -8.26 6.92 -25.14
C HIS B 244 -7.47 6.47 -23.92
N TRP B 245 -8.10 6.55 -22.76
CA TRP B 245 -7.46 6.47 -21.42
C TRP B 245 -7.56 5.06 -20.89
N GLY B 246 -6.47 4.50 -20.37
CA GLY B 246 -6.50 3.15 -19.76
C GLY B 246 -7.40 3.18 -18.52
N ARG B 247 -8.47 2.39 -18.50
CA ARG B 247 -9.42 2.35 -17.36
C ARG B 247 -8.70 2.01 -16.05
N HIS B 248 -7.70 1.13 -16.04
CA HIS B 248 -7.07 0.62 -14.79
C HIS B 248 -5.82 1.44 -14.43
N ASP B 249 -5.52 2.52 -15.16
CA ASP B 249 -4.30 3.32 -14.87
C ASP B 249 -4.29 3.71 -13.40
N PRO B 250 -3.37 3.21 -12.58
CA PRO B 250 -3.37 3.56 -11.15
C PRO B 250 -2.67 4.89 -10.79
N ILE B 251 -1.89 5.48 -11.68
CA ILE B 251 -1.18 6.74 -11.37
C ILE B 251 -1.93 7.91 -12.01
N LEU B 252 -2.26 7.83 -13.30
CA LEU B 252 -3.16 8.84 -13.92
C LEU B 252 -4.55 8.24 -13.96
N LYS B 253 -5.35 8.54 -12.93
CA LYS B 253 -6.68 7.93 -12.77
C LYS B 253 -7.56 8.24 -13.99
N SER B 254 -8.29 7.27 -14.52
CA SER B 254 -9.17 7.48 -15.70
C SER B 254 -10.29 8.49 -15.39
N GLU B 255 -10.70 8.61 -14.14
CA GLU B 255 -11.70 9.64 -13.73
C GLU B 255 -11.20 11.06 -14.03
N TRP B 256 -9.88 11.28 -14.20
CA TRP B 256 -9.32 12.62 -14.50
C TRP B 256 -9.65 12.99 -15.94
N SER B 257 -10.28 12.10 -16.68
CA SER B 257 -10.86 12.45 -18.01
C SER B 257 -11.88 13.57 -17.78
N ALA B 258 -12.49 13.64 -16.61
CA ALA B 258 -13.48 14.69 -16.23
C ALA B 258 -12.90 16.10 -16.46
N PHE B 259 -11.57 16.30 -16.35
CA PHE B 259 -10.94 17.63 -16.50
C PHE B 259 -10.62 17.97 -17.97
N VAL B 260 -10.83 17.04 -18.90
CA VAL B 260 -10.44 17.31 -20.32
C VAL B 260 -11.29 18.47 -20.87
N PRO B 261 -12.63 18.43 -20.78
CA PRO B 261 -13.44 19.45 -21.46
C PRO B 261 -13.11 20.89 -21.04
N GLU B 262 -12.61 21.11 -19.83
CA GLU B 262 -12.17 22.46 -19.37
C GLU B 262 -10.98 22.94 -20.24
N HIS B 263 -10.11 22.05 -20.71
CA HIS B 263 -8.83 22.44 -21.36
C HIS B 263 -8.86 22.32 -22.90
N PHE B 264 -9.92 21.76 -23.50
CA PHE B 264 -9.94 21.40 -24.93
C PHE B 264 -11.26 21.85 -25.53
N ASP B 265 -11.23 22.51 -26.68
CA ASP B 265 -12.47 22.94 -27.37
C ASP B 265 -13.24 21.72 -27.90
N ASP B 266 -12.55 20.66 -28.31
CA ASP B 266 -13.17 19.60 -29.13
C ASP B 266 -12.46 18.28 -28.85
N ALA B 267 -12.95 17.53 -27.88
CA ALA B 267 -12.28 16.29 -27.41
C ALA B 267 -13.28 15.14 -27.44
N ARG B 268 -12.85 14.05 -28.06
CA ARG B 268 -13.57 12.77 -28.10
C ARG B 268 -12.90 11.81 -27.13
N ILE B 269 -13.60 11.46 -26.07
CA ILE B 269 -13.04 10.76 -24.88
C ILE B 269 -13.63 9.38 -24.82
N SER B 270 -12.77 8.37 -24.84
CA SER B 270 -13.16 6.97 -24.61
C SER B 270 -12.14 6.30 -23.68
N PHE B 271 -12.34 5.04 -23.36
CA PHE B 271 -11.52 4.32 -22.37
C PHE B 271 -11.16 2.96 -22.94
N CYS B 272 -9.97 2.53 -22.64
CA CYS B 272 -9.50 1.17 -22.95
C CYS B 272 -9.76 0.32 -21.70
N GLU B 273 -10.72 -0.60 -21.78
CA GLU B 273 -11.11 -1.40 -20.59
C GLU B 273 -10.01 -2.37 -20.18
N SER B 274 -9.09 -2.76 -21.05
CA SER B 274 -8.13 -3.84 -20.66
C SER B 274 -6.72 -3.29 -20.36
N ALA B 275 -6.56 -1.99 -20.15
CA ALA B 275 -5.23 -1.38 -20.06
C ALA B 275 -5.12 -0.54 -18.81
N GLY B 276 -3.91 -0.52 -18.27
CA GLY B 276 -3.47 0.44 -17.25
C GLY B 276 -2.80 1.64 -17.91
N HIS B 277 -1.63 2.00 -17.44
CA HIS B 277 -0.94 3.26 -17.83
C HIS B 277 -0.43 3.23 -19.28
N PHE B 278 -0.19 2.05 -19.84
CA PHE B 278 0.48 1.83 -21.16
C PHE B 278 -0.47 1.24 -22.21
N VAL B 279 -1.47 2.01 -22.57
CA VAL B 279 -2.50 1.58 -23.56
C VAL B 279 -1.82 1.07 -24.84
N HIS B 280 -0.84 1.79 -25.34
CA HIS B 280 -0.13 1.53 -26.62
C HIS B 280 0.67 0.23 -26.54
N VAL B 281 0.97 -0.30 -25.35
CA VAL B 281 1.74 -1.56 -25.19
C VAL B 281 0.81 -2.68 -24.73
N GLU B 282 -0.13 -2.38 -23.82
CA GLU B 282 -0.97 -3.45 -23.22
C GLU B 282 -2.09 -3.83 -24.21
N ALA B 283 -2.64 -2.87 -24.97
CA ALA B 283 -3.80 -3.12 -25.86
C ALA B 283 -3.51 -2.56 -27.25
N PRO B 284 -2.47 -3.08 -27.93
CA PRO B 284 -1.94 -2.40 -29.11
C PRO B 284 -2.88 -2.52 -30.33
N ASP B 285 -3.67 -3.60 -30.40
CA ASP B 285 -4.60 -3.77 -31.54
C ASP B 285 -5.65 -2.67 -31.45
N GLU B 286 -6.21 -2.47 -30.28
CA GLU B 286 -7.22 -1.43 -30.01
C GLU B 286 -6.61 -0.02 -30.17
N ALA B 287 -5.46 0.23 -29.58
CA ALA B 287 -4.75 1.53 -29.69
C ALA B 287 -4.47 1.84 -31.16
N ALA B 288 -4.11 0.86 -32.00
CA ALA B 288 -3.77 1.12 -33.41
C ALA B 288 -5.04 1.44 -34.18
N ASP B 289 -6.17 0.82 -33.83
CA ASP B 289 -7.49 1.05 -34.44
C ASP B 289 -7.94 2.47 -34.10
N VAL B 290 -7.76 2.91 -32.86
CA VAL B 290 -8.16 4.30 -32.44
C VAL B 290 -7.30 5.32 -33.20
N LEU B 291 -5.99 5.09 -33.25
CA LEU B 291 -5.03 5.96 -33.98
C LEU B 291 -5.41 6.01 -35.47
N ALA B 292 -5.57 4.87 -36.15
CA ALA B 292 -5.83 4.82 -37.61
C ALA B 292 -7.14 5.57 -37.90
N GLU B 293 -8.15 5.38 -37.10
CA GLU B 293 -9.47 6.02 -37.36
C GLU B 293 -9.32 7.52 -37.16
N PHE B 294 -8.66 7.95 -36.09
CA PHE B 294 -8.59 9.40 -35.77
C PHE B 294 -7.70 10.15 -36.78
N PHE B 295 -6.58 9.56 -37.20
CA PHE B 295 -5.62 10.24 -38.13
C PHE B 295 -5.87 9.90 -39.61
N GLY B 296 -6.60 8.83 -39.92
CA GLY B 296 -6.87 8.37 -41.30
C GLY B 296 -7.92 9.23 -41.98
N SER C 2 -4.11 -38.24 37.79
CA SER C 2 -3.75 -39.67 37.73
C SER C 2 -2.78 -39.94 36.56
N SER C 3 -2.79 -39.24 35.40
CA SER C 3 -1.78 -39.50 34.32
C SER C 3 -0.37 -39.24 34.82
N ASP C 4 0.55 -40.15 34.51
CA ASP C 4 1.99 -39.97 34.74
C ASP C 4 2.47 -38.68 34.06
N PHE C 5 1.81 -38.26 32.98
CA PHE C 5 2.21 -37.07 32.16
C PHE C 5 1.28 -35.88 32.38
N ALA C 6 0.52 -35.90 33.46
CA ALA C 6 -0.22 -34.71 33.97
C ALA C 6 0.79 -33.71 34.51
N THR C 7 0.39 -32.46 34.69
CA THR C 7 1.29 -31.39 35.18
C THR C 7 0.73 -30.82 36.48
N PRO C 8 1.43 -31.00 37.63
CA PRO C 8 0.99 -30.38 38.87
C PRO C 8 0.94 -28.85 38.80
N PRO C 9 -0.01 -28.22 39.52
CA PRO C 9 -0.11 -26.76 39.48
C PRO C 9 1.16 -26.02 39.94
N GLY C 10 2.01 -26.63 40.77
CA GLY C 10 3.24 -25.97 41.24
C GLY C 10 4.27 -25.75 40.12
N LEU C 11 4.09 -26.29 38.92
CA LEU C 11 5.22 -26.31 37.93
C LEU C 11 5.41 -24.87 37.39
N ARG C 12 6.66 -24.45 37.28
CA ARG C 12 7.08 -23.13 36.75
C ARG C 12 8.07 -23.32 35.59
N HIS C 13 7.95 -22.44 34.60
CA HIS C 13 8.80 -22.39 33.37
C HIS C 13 9.57 -21.07 33.36
N ARG C 14 10.87 -21.12 33.05
CA ARG C 14 11.73 -19.95 32.81
C ARG C 14 12.57 -20.17 31.54
N GLN C 15 12.81 -19.09 30.78
CA GLN C 15 13.84 -19.02 29.72
C GLN C 15 15.04 -18.31 30.37
N ILE C 16 16.11 -19.04 30.70
CA ILE C 16 17.22 -18.46 31.51
C ILE C 16 18.41 -18.21 30.55
N ALA C 17 18.94 -16.98 30.53
CA ALA C 17 20.18 -16.61 29.82
C ALA C 17 21.36 -17.30 30.51
N VAL C 18 22.07 -18.22 29.85
CA VAL C 18 23.28 -18.87 30.43
C VAL C 18 24.28 -19.07 29.29
N ARG C 19 25.57 -18.87 29.54
CA ARG C 19 26.65 -19.08 28.54
C ARG C 19 26.31 -18.55 27.14
N ASP C 20 25.80 -17.35 26.98
CA ASP C 20 25.52 -16.90 25.57
C ASP C 20 24.41 -17.69 24.85
N THR C 21 23.57 -18.44 25.54
CA THR C 21 22.42 -19.14 24.92
C THR C 21 21.24 -18.90 25.87
N THR C 22 20.10 -19.47 25.57
CA THR C 22 18.89 -19.41 26.44
C THR C 22 18.41 -20.84 26.63
N LEU C 23 18.28 -21.25 27.89
CA LEU C 23 17.74 -22.56 28.26
C LEU C 23 16.32 -22.41 28.79
N HIS C 24 15.43 -23.27 28.32
CA HIS C 24 14.12 -23.51 28.97
C HIS C 24 14.37 -24.35 30.23
N VAL C 25 13.83 -23.95 31.37
CA VAL C 25 14.01 -24.75 32.61
C VAL C 25 12.64 -24.91 33.26
N ALA C 26 12.25 -26.13 33.57
CA ALA C 26 11.02 -26.42 34.34
C ALA C 26 11.43 -26.71 35.78
N GLU C 27 10.70 -26.19 36.76
CA GLU C 27 11.04 -26.39 38.18
C GLU C 27 9.78 -26.63 39.00
N ILE C 28 9.89 -27.45 40.02
CA ILE C 28 8.77 -27.63 40.96
C ILE C 28 9.34 -28.05 42.31
N GLY C 29 8.67 -27.66 43.36
CA GLY C 29 9.01 -28.08 44.73
C GLY C 29 10.08 -27.22 45.37
N SER C 30 10.18 -25.92 45.02
CA SER C 30 11.20 -25.00 45.60
C SER C 30 11.11 -25.05 47.14
N GLY C 31 12.27 -25.16 47.80
CA GLY C 31 12.35 -25.30 49.27
C GLY C 31 12.78 -26.69 49.68
N GLY C 32 12.46 -27.72 48.88
CA GLY C 32 12.98 -29.09 49.13
C GLY C 32 14.43 -29.28 48.69
N THR C 33 15.01 -30.46 48.92
CA THR C 33 16.39 -30.85 48.53
C THR C 33 16.52 -30.71 47.01
N PRO C 34 17.49 -29.94 46.46
CA PRO C 34 17.53 -29.70 45.01
C PRO C 34 18.19 -30.85 44.23
N VAL C 35 17.47 -31.33 43.20
CA VAL C 35 17.93 -32.42 42.30
C VAL C 35 17.75 -31.93 40.85
N LEU C 36 18.85 -31.95 40.11
CA LEU C 36 18.90 -31.55 38.69
C LEU C 36 18.70 -32.83 37.85
N LEU C 37 17.70 -32.79 36.96
CA LEU C 37 17.35 -33.94 36.09
C LEU C 37 17.76 -33.66 34.64
N LEU C 38 18.57 -34.54 34.06
CA LEU C 38 19.17 -34.39 32.72
C LEU C 38 18.64 -35.46 31.77
N HIS C 39 17.80 -35.04 30.82
CA HIS C 39 17.17 -35.91 29.79
C HIS C 39 18.20 -36.37 28.75
N GLY C 40 17.76 -37.23 27.83
CA GLY C 40 18.59 -37.81 26.78
C GLY C 40 18.02 -37.47 25.43
N TRP C 41 18.41 -38.26 24.44
CA TRP C 41 17.85 -38.21 23.07
C TRP C 41 17.07 -39.51 22.91
N PRO C 42 15.83 -39.54 22.39
CA PRO C 42 15.11 -38.41 21.82
C PRO C 42 14.09 -37.89 22.85
N GLU C 43 14.51 -36.93 23.66
CA GLU C 43 13.70 -36.48 24.82
C GLU C 43 13.86 -34.96 24.97
N PHE C 44 13.26 -34.47 26.03
CA PHE C 44 13.24 -33.06 26.50
C PHE C 44 12.69 -33.13 27.93
N TRP C 45 12.52 -32.01 28.62
CA TRP C 45 12.31 -31.94 30.08
C TRP C 45 11.07 -32.78 30.50
N ALA C 46 10.07 -32.88 29.64
CA ALA C 46 8.78 -33.57 29.91
C ALA C 46 8.98 -35.07 30.17
N THR C 47 10.12 -35.63 29.79
CA THR C 47 10.42 -37.02 30.14
C THR C 47 10.43 -37.17 31.67
N TRP C 48 10.61 -36.07 32.43
CA TRP C 48 10.71 -36.13 33.90
C TRP C 48 9.35 -35.99 34.58
N LEU C 49 8.25 -35.75 33.83
CA LEU C 49 6.91 -35.51 34.45
C LEU C 49 6.50 -36.70 35.33
N PRO C 50 6.66 -38.00 34.94
CA PRO C 50 6.31 -39.10 35.83
C PRO C 50 7.00 -39.01 37.20
N LEU C 51 8.30 -38.69 37.24
CA LEU C 51 9.05 -38.54 38.50
C LEU C 51 8.62 -37.27 39.22
N MET C 52 8.46 -36.16 38.51
CA MET C 52 8.06 -34.86 39.12
C MET C 52 6.70 -35.00 39.82
N ASN C 53 5.74 -35.76 39.25
CA ASN C 53 4.40 -36.00 39.86
C ASN C 53 4.54 -36.75 41.21
N ARG C 54 5.56 -37.59 41.35
CA ARG C 54 5.75 -38.45 42.56
C ARG C 54 6.62 -37.74 43.61
N LEU C 55 7.46 -36.77 43.26
CA LEU C 55 8.56 -36.34 44.18
C LEU C 55 8.50 -34.86 44.58
N HIS C 56 7.59 -34.08 44.00
CA HIS C 56 7.59 -32.61 44.11
C HIS C 56 7.31 -32.12 45.54
N ASP C 57 6.67 -32.93 46.38
CA ASP C 57 6.45 -32.55 47.80
C ASP C 57 7.75 -32.75 48.59
N GLN C 58 8.64 -33.65 48.18
CA GLN C 58 9.89 -33.88 48.96
C GLN C 58 11.08 -33.07 48.37
N PHE C 59 11.15 -32.88 47.05
CA PHE C 59 12.36 -32.37 46.38
C PHE C 59 12.04 -31.14 45.54
N HIS C 60 13.00 -30.23 45.43
CA HIS C 60 13.08 -29.18 44.39
C HIS C 60 13.67 -29.80 43.13
N LEU C 61 12.83 -30.12 42.14
CA LEU C 61 13.21 -30.75 40.86
C LEU C 61 13.43 -29.66 39.82
N ILE C 62 14.58 -29.75 39.17
CA ILE C 62 15.06 -28.80 38.15
C ILE C 62 15.26 -29.63 36.89
N ALA C 63 14.44 -29.37 35.85
CA ALA C 63 14.44 -30.14 34.59
C ALA C 63 14.61 -29.17 33.42
N PRO C 64 15.86 -28.95 33.00
CA PRO C 64 16.16 -28.13 31.83
C PRO C 64 15.91 -28.90 30.54
N ASP C 65 15.62 -28.16 29.47
CA ASP C 65 15.93 -28.60 28.10
C ASP C 65 17.41 -28.32 27.85
N LEU C 66 18.17 -29.33 27.42
CA LEU C 66 19.57 -29.11 27.02
C LEU C 66 19.61 -28.23 25.79
N ARG C 67 20.72 -27.51 25.58
CA ARG C 67 20.90 -26.65 24.39
C ARG C 67 20.57 -27.48 23.16
N GLY C 68 19.69 -26.99 22.30
CA GLY C 68 19.34 -27.66 21.04
C GLY C 68 18.18 -28.64 21.18
N PHE C 69 17.57 -28.72 22.35
CA PHE C 69 16.44 -29.61 22.67
C PHE C 69 15.27 -28.77 23.17
N GLY C 70 14.03 -29.29 23.07
CA GLY C 70 12.82 -28.75 23.70
C GLY C 70 12.58 -27.33 23.29
N ASP C 71 12.40 -26.46 24.28
CA ASP C 71 12.18 -25.01 24.06
C ASP C 71 13.50 -24.25 24.34
N SER C 72 14.65 -24.92 24.45
CA SER C 72 15.93 -24.18 24.61
C SER C 72 16.33 -23.69 23.22
N GLU C 73 17.18 -22.68 23.14
CA GLU C 73 17.65 -22.09 21.86
C GLU C 73 18.34 -23.16 21.01
N LYS C 74 18.16 -23.08 19.69
CA LYS C 74 18.90 -23.84 18.65
C LYS C 74 19.83 -22.89 17.90
N SER C 75 20.95 -23.41 17.40
CA SER C 75 21.77 -22.73 16.37
C SER C 75 21.03 -22.83 15.05
N ALA C 76 21.24 -21.85 14.15
CA ALA C 76 20.65 -21.83 12.79
C ALA C 76 21.24 -22.95 11.92
N VAL C 77 22.48 -23.37 12.14
CA VAL C 77 23.21 -24.33 11.24
C VAL C 77 23.62 -25.58 12.02
N PRO C 78 23.82 -26.73 11.36
CA PRO C 78 24.34 -27.92 12.05
C PRO C 78 25.68 -27.61 12.75
N ARG C 79 25.90 -28.17 13.95
CA ARG C 79 27.10 -27.95 14.79
C ARG C 79 27.71 -29.29 15.20
N SER C 80 28.98 -29.28 15.59
CA SER C 80 29.67 -30.52 16.03
C SER C 80 30.47 -30.22 17.30
N ASP C 81 30.18 -29.09 17.94
CA ASP C 81 30.87 -28.67 19.18
C ASP C 81 29.91 -28.67 20.39
N VAL C 82 28.80 -29.41 20.36
CA VAL C 82 27.83 -29.43 21.48
C VAL C 82 27.83 -30.83 22.09
N GLY C 83 28.98 -31.19 22.66
CA GLY C 83 29.24 -32.50 23.29
C GLY C 83 29.02 -32.47 24.79
N ALA C 84 29.50 -33.50 25.45
CA ALA C 84 29.25 -33.75 26.88
C ALA C 84 29.73 -32.54 27.69
N ASN C 85 30.90 -31.99 27.35
CA ASN C 85 31.56 -30.89 28.11
C ASN C 85 30.77 -29.61 27.97
N SER C 86 30.27 -29.31 26.77
CA SER C 86 29.37 -28.17 26.50
C SER C 86 28.11 -28.28 27.38
N HIS C 87 27.44 -29.42 27.41
CA HIS C 87 26.22 -29.62 28.26
C HIS C 87 26.56 -29.47 29.75
N ALA C 88 27.62 -30.09 30.25
CA ALA C 88 28.01 -29.93 31.66
C ALA C 88 28.24 -28.43 31.96
N ASP C 89 28.97 -27.71 31.11
CA ASP C 89 29.32 -26.30 31.42
C ASP C 89 28.03 -25.47 31.39
N ASP C 90 27.06 -25.82 30.54
CA ASP C 90 25.74 -25.13 30.49
C ASP C 90 25.01 -25.37 31.82
N MET C 91 25.07 -26.60 32.34
CA MET C 91 24.39 -27.03 33.59
C MET C 91 25.04 -26.32 34.79
N ALA C 92 26.37 -26.21 34.82
CA ALA C 92 27.10 -25.44 35.87
C ALA C 92 26.64 -23.97 35.85
N ALA C 93 26.48 -23.35 34.67
CA ALA C 93 26.07 -21.93 34.57
C ALA C 93 24.62 -21.79 35.02
N LEU C 94 23.77 -22.76 34.68
CA LEU C 94 22.34 -22.73 35.06
C LEU C 94 22.28 -22.84 36.60
N LEU C 95 23.07 -23.70 37.22
CA LEU C 95 23.03 -23.78 38.70
C LEU C 95 23.43 -22.44 39.31
N GLY C 96 24.48 -21.81 38.76
CA GLY C 96 24.91 -20.44 39.09
C GLY C 96 23.76 -19.45 39.00
N ALA C 97 22.99 -19.47 37.91
CA ALA C 97 21.88 -18.52 37.65
C ALA C 97 20.74 -18.80 38.65
N LEU C 98 20.59 -20.05 39.12
CA LEU C 98 19.55 -20.40 40.12
C LEU C 98 20.05 -20.13 41.55
N GLY C 99 21.30 -19.73 41.72
CA GLY C 99 21.90 -19.49 43.04
C GLY C 99 22.10 -20.77 43.83
N LEU C 100 22.40 -21.90 43.17
CA LEU C 100 22.54 -23.21 43.86
C LEU C 100 24.03 -23.59 43.86
N GLU C 101 24.58 -23.83 45.05
CA GLU C 101 26.04 -24.07 45.23
C GLU C 101 26.32 -25.57 45.04
N SER C 102 25.30 -26.43 45.20
CA SER C 102 25.46 -27.91 45.28
C SER C 102 24.10 -28.58 45.07
N VAL C 103 24.01 -29.58 44.19
CA VAL C 103 22.74 -30.28 43.86
C VAL C 103 23.03 -31.77 43.77
N GLY C 104 21.99 -32.57 43.95
CA GLY C 104 21.96 -33.93 43.41
C GLY C 104 21.76 -33.89 41.91
N VAL C 105 22.35 -34.83 41.18
CA VAL C 105 22.23 -34.87 39.71
C VAL C 105 21.71 -36.25 39.30
N VAL C 106 20.71 -36.26 38.43
CA VAL C 106 20.13 -37.50 37.83
C VAL C 106 20.36 -37.43 36.32
N GLY C 107 20.98 -38.48 35.76
CA GLY C 107 21.29 -38.56 34.34
C GLY C 107 20.86 -39.89 33.74
N HIS C 108 20.45 -39.85 32.48
CA HIS C 108 20.50 -41.05 31.62
C HIS C 108 20.83 -40.59 30.20
N ASP C 109 21.43 -41.49 29.43
CA ASP C 109 21.64 -41.29 27.98
C ASP C 109 22.56 -40.06 27.84
N VAL C 110 22.24 -39.12 26.96
CA VAL C 110 23.02 -37.86 26.83
C VAL C 110 23.21 -37.25 28.23
N GLY C 111 22.15 -37.17 29.02
CA GLY C 111 22.21 -36.58 30.37
C GLY C 111 23.26 -37.27 31.24
N ALA C 112 23.56 -38.56 31.03
CA ALA C 112 24.55 -39.33 31.83
C ALA C 112 25.94 -38.90 31.44
N TYR C 113 26.16 -38.68 30.15
CA TYR C 113 27.44 -38.08 29.64
C TYR C 113 27.60 -36.67 30.24
N ALA C 114 26.58 -35.83 30.21
CA ALA C 114 26.64 -34.47 30.77
C ALA C 114 26.95 -34.55 32.27
N ALA C 115 26.25 -35.42 33.00
CA ALA C 115 26.40 -35.57 34.47
C ALA C 115 27.82 -36.02 34.84
N GLN C 116 28.41 -36.94 34.10
CA GLN C 116 29.81 -37.36 34.35
C GLN C 116 30.77 -36.17 34.12
N ALA C 117 30.58 -35.44 33.02
CA ALA C 117 31.48 -34.31 32.70
C ALA C 117 31.23 -33.22 33.75
N LEU C 118 30.01 -33.06 34.27
CA LEU C 118 29.69 -32.02 35.27
C LEU C 118 30.41 -32.36 36.59
N ALA C 119 30.36 -33.61 36.98
CA ALA C 119 31.02 -34.16 38.18
C ALA C 119 32.52 -33.92 38.08
N ARG C 120 33.11 -34.05 36.89
CA ARG C 120 34.59 -33.91 36.74
C ARG C 120 34.99 -32.44 36.65
N ARG C 121 34.32 -31.65 35.83
CA ARG C 121 34.71 -30.25 35.50
C ARG C 121 34.21 -29.27 36.57
N HIS C 122 33.13 -29.58 37.29
CA HIS C 122 32.53 -28.67 38.32
C HIS C 122 32.19 -29.46 39.59
N PRO C 123 33.20 -30.15 40.18
CA PRO C 123 32.94 -31.15 41.22
C PRO C 123 32.21 -30.66 42.48
N GLN C 124 32.39 -29.40 42.86
CA GLN C 124 31.75 -28.84 44.07
C GLN C 124 30.25 -28.66 43.83
N LEU C 125 29.79 -28.52 42.58
CA LEU C 125 28.34 -28.33 42.30
C LEU C 125 27.59 -29.66 42.48
N VAL C 126 28.25 -30.79 42.29
CA VAL C 126 27.63 -32.14 42.36
C VAL C 126 27.82 -32.76 43.76
N ASP C 127 26.75 -32.85 44.54
CA ASP C 127 26.74 -33.54 45.85
C ASP C 127 26.84 -35.06 45.61
N ARG C 128 26.02 -35.58 44.69
CA ARG C 128 25.92 -37.03 44.42
C ARG C 128 25.12 -37.22 43.12
N LEU C 129 25.23 -38.40 42.56
CA LEU C 129 24.79 -38.73 41.19
C LEU C 129 23.91 -39.98 41.20
N LEU C 130 22.79 -39.93 40.51
CA LEU C 130 21.99 -41.13 40.17
C LEU C 130 21.96 -41.21 38.66
N PHE C 131 22.33 -42.39 38.13
CA PHE C 131 22.22 -42.72 36.71
C PHE C 131 21.18 -43.82 36.52
N PHE C 132 20.31 -43.68 35.52
CA PHE C 132 19.39 -44.77 35.08
C PHE C 132 20.03 -45.63 33.98
N ASN C 133 21.13 -45.20 33.44
CA ASN C 133 22.03 -46.06 32.63
C ASN C 133 23.31 -45.25 32.61
N CYS C 134 24.45 -45.89 32.40
CA CYS C 134 25.74 -45.23 32.69
C CYS C 134 26.79 -45.72 31.70
N PRO C 135 26.69 -45.25 30.46
CA PRO C 135 27.69 -45.54 29.44
C PRO C 135 29.00 -44.86 29.84
N THR C 136 30.13 -45.56 29.66
CA THR C 136 31.47 -45.03 30.01
C THR C 136 32.37 -45.25 28.80
N ALA C 137 33.57 -44.66 28.82
CA ALA C 137 34.59 -44.76 27.75
C ALA C 137 35.06 -46.22 27.57
N SER C 138 34.84 -47.09 28.55
CA SER C 138 35.23 -48.51 28.51
C SER C 138 34.37 -49.34 27.51
N VAL C 139 33.18 -48.89 27.13
CA VAL C 139 32.30 -49.73 26.25
C VAL C 139 33.08 -50.13 24.98
N GLY C 140 33.66 -49.15 24.29
CA GLY C 140 34.62 -49.36 23.18
C GLY C 140 34.03 -50.19 22.05
N GLY C 141 34.68 -51.33 21.70
CA GLY C 141 34.27 -52.24 20.60
C GLY C 141 32.91 -52.88 20.80
N ALA C 142 32.39 -52.90 22.03
CA ALA C 142 31.04 -53.39 22.38
C ALA C 142 29.95 -52.53 21.70
N TRP C 143 30.26 -51.33 21.21
CA TRP C 143 29.27 -50.53 20.46
C TRP C 143 28.92 -51.24 19.15
N VAL C 144 29.82 -52.06 18.59
CA VAL C 144 29.63 -52.58 17.22
C VAL C 144 29.79 -54.11 17.16
N HIS C 145 30.21 -54.79 18.24
CA HIS C 145 30.40 -56.26 18.21
C HIS C 145 29.23 -56.97 18.91
N HIS C 146 29.16 -58.29 18.76
CA HIS C 146 28.10 -59.16 19.37
C HIS C 146 26.71 -58.70 18.93
N GLY C 147 26.56 -58.27 17.68
CA GLY C 147 25.24 -57.91 17.14
C GLY C 147 24.85 -56.45 17.35
N HIS C 148 25.61 -55.68 18.11
CA HIS C 148 25.23 -54.31 18.52
C HIS C 148 25.28 -53.33 17.35
N VAL C 149 26.01 -53.66 16.29
CA VAL C 149 26.05 -52.84 15.05
C VAL C 149 24.62 -52.62 14.57
N ASN C 150 23.69 -53.56 14.81
CA ASN C 150 22.29 -53.39 14.33
C ASN C 150 21.56 -52.33 15.14
N GLU C 151 22.03 -52.00 16.33
CA GLU C 151 21.34 -51.03 17.21
C GLU C 151 21.84 -49.61 16.98
N VAL C 152 23.01 -49.38 16.41
CA VAL C 152 23.70 -48.05 16.46
C VAL C 152 23.56 -47.32 15.12
N TRP C 153 22.83 -47.86 14.17
CA TRP C 153 22.72 -47.28 12.80
C TRP C 153 22.33 -45.79 12.88
N TYR C 154 21.35 -45.47 13.71
CA TYR C 154 20.77 -44.10 13.86
C TYR C 154 21.87 -43.06 14.23
N GLN C 155 22.88 -43.46 15.01
CA GLN C 155 23.94 -42.54 15.46
C GLN C 155 24.69 -41.97 14.24
N SER C 156 24.88 -42.80 13.21
CA SER C 156 25.54 -42.38 11.96
C SER C 156 24.53 -41.71 11.04
N PHE C 157 23.35 -42.29 10.86
CA PHE C 157 22.33 -41.77 9.94
C PHE C 157 22.06 -40.30 10.34
N GLN C 158 22.00 -40.05 11.64
CA GLN C 158 21.51 -38.74 12.18
C GLN C 158 22.57 -37.65 11.94
N GLN C 159 23.77 -38.00 11.48
CA GLN C 159 24.82 -37.01 11.15
C GLN C 159 24.67 -36.51 9.72
N LEU C 160 23.82 -37.15 8.90
CA LEU C 160 23.66 -36.83 7.47
C LEU C 160 22.54 -35.82 7.26
N GLY C 161 22.68 -34.94 6.26
CA GLY C 161 21.60 -34.04 5.80
C GLY C 161 20.38 -34.84 5.38
N LEU C 162 20.60 -36.06 4.89
CA LEU C 162 19.52 -37.01 4.53
C LEU C 162 18.57 -37.18 5.71
N ALA C 163 19.07 -37.32 6.95
CA ALA C 163 18.20 -37.60 8.10
C ALA C 163 17.22 -36.44 8.33
N GLU C 164 17.69 -35.20 8.45
CA GLU C 164 16.82 -34.01 8.64
C GLU C 164 15.81 -33.92 7.49
N ALA C 165 16.21 -34.07 6.23
CA ALA C 165 15.32 -33.98 5.05
C ALA C 165 14.26 -35.10 5.09
N LEU C 166 14.62 -36.34 5.41
CA LEU C 166 13.69 -37.49 5.33
C LEU C 166 12.76 -37.48 6.56
N VAL C 167 13.30 -37.43 7.78
CA VAL C 167 12.44 -37.44 9.00
C VAL C 167 11.58 -36.16 9.05
N GLY C 168 12.07 -35.02 8.61
CA GLY C 168 11.30 -33.74 8.65
C GLY C 168 10.45 -33.53 7.40
N THR C 169 10.26 -34.55 6.56
CA THR C 169 9.32 -34.48 5.40
C THR C 169 7.94 -33.98 5.86
N SER C 170 7.36 -34.60 6.88
CA SER C 170 5.99 -34.32 7.31
C SER C 170 5.84 -34.69 8.80
N ARG C 171 4.67 -34.38 9.35
CA ARG C 171 4.35 -34.82 10.73
C ARG C 171 4.32 -36.36 10.74
N GLU C 172 3.82 -37.00 9.69
CA GLU C 172 3.71 -38.49 9.61
C GLU C 172 5.11 -39.13 9.62
N THR C 173 6.09 -38.61 8.86
CA THR C 173 7.48 -39.17 8.84
C THR C 173 8.11 -39.00 10.23
N CYS C 174 7.80 -37.90 10.91
CA CYS C 174 8.41 -37.55 12.21
C CYS C 174 7.82 -38.50 13.25
N ALA C 175 6.51 -38.78 13.14
CA ALA C 175 5.82 -39.75 14.01
C ALA C 175 6.40 -41.16 13.79
N LEU C 176 6.54 -41.61 12.55
CA LEU C 176 7.13 -42.97 12.24
C LEU C 176 8.52 -43.08 12.90
N TYR C 177 9.34 -42.07 12.69
CA TYR C 177 10.75 -42.12 13.17
C TYR C 177 10.78 -42.20 14.69
N PHE C 178 10.14 -41.26 15.40
CA PHE C 178 10.26 -41.19 16.87
C PHE C 178 9.51 -42.35 17.53
N ARG C 179 8.40 -42.82 16.96
CA ARG C 179 7.66 -43.97 17.52
C ARG C 179 8.62 -45.17 17.57
N HIS C 180 9.46 -45.34 16.57
CA HIS C 180 10.39 -46.50 16.50
C HIS C 180 11.24 -46.51 17.77
N PHE C 181 11.82 -45.37 18.18
CA PHE C 181 12.77 -45.35 19.31
C PHE C 181 11.99 -45.55 20.60
N LEU C 182 10.88 -44.81 20.74
CA LEU C 182 10.11 -44.84 22.01
C LEU C 182 9.60 -46.27 22.25
N GLU C 183 9.30 -47.05 21.19
CA GLU C 183 8.82 -48.43 21.35
C GLU C 183 10.01 -49.40 21.41
N HIS C 184 10.92 -49.40 20.44
CA HIS C 184 12.01 -50.43 20.40
C HIS C 184 12.87 -50.32 21.67
N TRP C 185 13.09 -49.12 22.20
CA TRP C 185 14.05 -48.94 23.32
C TRP C 185 13.37 -49.23 24.67
N SER C 186 12.05 -49.33 24.71
CA SER C 186 11.26 -49.63 25.92
C SER C 186 11.03 -51.13 26.06
N HIS C 187 10.96 -51.64 27.29
CA HIS C 187 10.37 -52.97 27.61
C HIS C 187 8.85 -52.79 27.72
N ARG C 188 8.39 -51.79 28.47
CA ARG C 188 6.97 -51.41 28.52
C ARG C 188 6.67 -50.57 27.25
N LYS C 189 6.16 -51.21 26.20
CA LYS C 189 6.02 -50.63 24.83
C LYS C 189 5.02 -49.47 24.77
N ASP C 190 4.10 -49.39 25.72
CA ASP C 190 3.04 -48.34 25.78
C ASP C 190 3.48 -47.16 26.67
N ALA C 191 4.68 -47.14 27.24
CA ALA C 191 5.03 -46.16 28.31
C ALA C 191 4.88 -44.71 27.84
N PHE C 192 5.18 -44.41 26.58
CA PHE C 192 5.12 -43.03 26.05
C PHE C 192 3.75 -42.74 25.38
N GLU C 193 2.84 -43.71 25.31
CA GLU C 193 1.55 -43.50 24.56
C GLU C 193 0.82 -42.25 25.06
N PRO C 194 0.74 -41.93 26.37
CA PRO C 194 -0.02 -40.76 26.83
C PRO C 194 0.56 -39.40 26.44
N ALA C 195 1.84 -39.35 26.01
CA ALA C 195 2.53 -38.09 25.67
C ALA C 195 3.11 -38.20 24.26
N PHE C 196 2.71 -39.23 23.52
CA PHE C 196 3.31 -39.52 22.20
C PHE C 196 3.21 -38.26 21.34
N GLU C 197 2.06 -37.60 21.35
CA GLU C 197 1.77 -36.48 20.42
C GLU C 197 2.51 -35.24 20.95
N LEU C 198 2.81 -35.16 22.26
CA LEU C 198 3.68 -34.12 22.86
C LEU C 198 5.12 -34.27 22.33
N TRP C 199 5.65 -35.48 22.28
CA TRP C 199 6.96 -35.80 21.65
C TRP C 199 6.96 -35.38 20.18
N ILE C 200 5.94 -35.74 19.42
CA ILE C 200 5.93 -35.39 17.98
C ILE C 200 5.85 -33.86 17.85
N ASP C 201 4.97 -33.21 18.61
CA ASP C 201 4.92 -31.73 18.59
C ASP C 201 6.32 -31.17 18.85
N ASN C 202 7.01 -31.72 19.86
CA ASN C 202 8.36 -31.26 20.24
C ASN C 202 9.31 -31.38 19.05
N PHE C 203 9.32 -32.52 18.34
CA PHE C 203 10.30 -32.73 17.24
C PHE C 203 9.80 -32.08 15.95
N MET C 204 8.62 -31.47 15.91
CA MET C 204 8.15 -30.69 14.73
C MET C 204 8.52 -29.20 14.94
N LYS C 205 8.91 -28.81 16.15
CA LYS C 205 9.36 -27.41 16.44
C LYS C 205 10.62 -27.13 15.59
N PRO C 206 10.68 -25.98 14.88
CA PRO C 206 11.84 -25.65 14.05
C PRO C 206 13.18 -25.86 14.80
N GLY C 207 14.10 -26.59 14.18
CA GLY C 207 15.45 -26.82 14.71
C GLY C 207 15.57 -28.02 15.64
N ASN C 208 14.50 -28.61 16.19
CA ASN C 208 14.64 -29.70 17.19
C ASN C 208 15.10 -31.01 16.56
N LEU C 209 14.97 -31.24 15.25
CA LEU C 209 15.62 -32.43 14.61
C LEU C 209 17.13 -32.20 14.61
N ARG C 210 17.55 -31.07 14.01
CA ARG C 210 18.96 -30.65 13.84
C ARG C 210 19.63 -30.58 15.21
N GLY C 211 18.99 -29.91 16.19
CA GLY C 211 19.61 -29.67 17.50
C GLY C 211 19.86 -30.95 18.27
N GLY C 212 18.98 -31.93 18.11
CA GLY C 212 19.20 -33.27 18.68
C GLY C 212 20.28 -34.00 17.92
N PHE C 213 20.24 -33.90 16.60
CA PHE C 213 21.20 -34.64 15.73
C PHE C 213 22.61 -34.10 15.97
N ASP C 214 22.74 -32.84 16.38
CA ASP C 214 24.05 -32.21 16.71
C ASP C 214 24.78 -33.01 17.80
N TRP C 215 24.06 -33.67 18.69
CA TRP C 215 24.70 -34.49 19.74
C TRP C 215 25.54 -35.57 19.04
N TYR C 216 25.01 -36.17 17.97
CA TYR C 216 25.67 -37.34 17.30
C TYR C 216 26.85 -36.83 16.46
N ARG C 217 26.73 -35.66 15.80
CA ARG C 217 27.85 -34.97 15.13
C ARG C 217 28.93 -34.69 16.17
N SER C 218 28.57 -34.29 17.39
CA SER C 218 29.54 -33.82 18.43
C SER C 218 30.29 -35.01 19.06
N GLN C 219 29.69 -36.20 19.10
CA GLN C 219 30.25 -37.39 19.81
C GLN C 219 30.92 -38.35 18.85
N ASN C 220 30.77 -38.12 17.53
CA ASN C 220 31.22 -39.08 16.50
C ASN C 220 32.72 -39.38 16.66
N ALA C 221 33.58 -38.36 16.73
CA ALA C 221 35.04 -38.59 16.71
C ALA C 221 35.45 -39.42 17.94
N LEU C 222 34.92 -39.09 19.11
CA LEU C 222 35.20 -39.82 20.40
C LEU C 222 34.67 -41.26 20.32
N ARG C 223 33.47 -41.45 19.74
CA ARG C 223 32.85 -42.79 19.57
C ARG C 223 33.74 -43.63 18.65
N LEU C 224 34.17 -43.09 17.50
CA LEU C 224 35.06 -43.82 16.57
C LEU C 224 36.36 -44.19 17.29
N ALA C 225 36.97 -43.27 18.06
CA ALA C 225 38.24 -43.53 18.79
C ALA C 225 38.04 -44.69 19.75
N ALA C 226 36.95 -44.65 20.52
CA ALA C 226 36.61 -45.67 21.53
C ALA C 226 36.37 -47.04 20.86
N ILE C 227 35.65 -47.08 19.73
CA ILE C 227 35.39 -48.33 18.95
C ILE C 227 36.73 -48.96 18.57
N ASP C 228 37.72 -48.18 18.13
CA ASP C 228 39.01 -48.76 17.66
C ASP C 228 39.98 -48.96 18.85
N GLY C 229 39.50 -48.90 20.10
CA GLY C 229 40.27 -49.22 21.32
C GLY C 229 41.22 -48.11 21.76
N HIS C 230 40.92 -46.83 21.50
CA HIS C 230 41.71 -45.66 21.99
C HIS C 230 40.76 -44.75 22.76
N PRO C 231 40.35 -45.12 23.98
CA PRO C 231 39.42 -44.28 24.74
C PRO C 231 40.21 -43.06 25.25
N THR C 232 39.58 -41.91 25.45
CA THR C 232 40.31 -40.74 26.03
C THR C 232 40.36 -41.00 27.53
N PRO C 233 41.58 -41.00 28.14
CA PRO C 233 41.73 -41.38 29.55
C PRO C 233 41.07 -40.29 30.41
N SER C 234 40.62 -40.65 31.61
CA SER C 234 39.98 -39.71 32.57
C SER C 234 40.27 -40.18 33.99
N VAL C 235 40.09 -39.25 34.93
CA VAL C 235 40.17 -39.49 36.40
C VAL C 235 38.79 -40.03 36.82
N ARG C 236 38.80 -40.99 37.74
CA ARG C 236 37.57 -41.53 38.39
C ARG C 236 36.72 -40.40 38.98
N ILE C 237 35.42 -40.59 38.95
CA ILE C 237 34.44 -39.67 39.60
C ILE C 237 34.36 -40.12 41.07
N HIS C 238 34.52 -39.16 42.00
CA HIS C 238 34.71 -39.39 43.46
C HIS C 238 33.36 -39.29 44.16
N GLN C 239 32.38 -38.55 43.62
CA GLN C 239 31.09 -38.27 44.31
C GLN C 239 30.36 -39.59 44.51
N PRO C 240 29.63 -39.73 45.63
CA PRO C 240 28.75 -40.88 45.83
C PRO C 240 27.78 -41.02 44.65
N THR C 241 27.68 -42.25 44.16
CA THR C 241 26.99 -42.57 42.88
C THR C 241 26.08 -43.78 43.09
N ARG C 242 24.91 -43.67 42.48
CA ARG C 242 23.92 -44.76 42.38
C ARG C 242 23.66 -44.97 40.90
N VAL C 243 23.74 -46.22 40.47
CA VAL C 243 23.34 -46.64 39.10
C VAL C 243 22.15 -47.60 39.22
N HIS C 244 21.06 -47.32 38.53
CA HIS C 244 19.85 -48.18 38.48
C HIS C 244 19.52 -48.43 37.01
N TRP C 245 20.17 -49.43 36.41
CA TRP C 245 20.15 -49.67 34.95
C TRP C 245 18.89 -50.44 34.58
N GLY C 246 18.21 -50.07 33.49
CA GLY C 246 17.14 -50.93 32.96
C GLY C 246 17.71 -52.23 32.42
N ARG C 247 17.32 -53.38 32.97
CA ARG C 247 17.88 -54.69 32.57
C ARG C 247 17.67 -54.94 31.07
N HIS C 248 16.55 -54.52 30.47
CA HIS C 248 16.22 -54.87 29.07
C HIS C 248 16.67 -53.77 28.11
N ASP C 249 17.54 -52.84 28.54
CA ASP C 249 17.92 -51.69 27.67
C ASP C 249 18.60 -52.26 26.43
N PRO C 250 18.07 -52.10 25.20
CA PRO C 250 18.71 -52.67 24.01
C PRO C 250 19.82 -51.83 23.39
N ILE C 251 19.87 -50.51 23.68
CA ILE C 251 20.90 -49.59 23.11
C ILE C 251 22.08 -49.43 24.09
N LEU C 252 21.83 -49.18 25.37
CA LEU C 252 22.92 -49.13 26.39
C LEU C 252 22.77 -50.42 27.19
N LYS C 253 23.51 -51.47 26.83
CA LYS C 253 23.25 -52.81 27.35
C LYS C 253 23.55 -52.79 28.85
N SER C 254 22.71 -53.42 29.66
CA SER C 254 22.88 -53.44 31.13
C SER C 254 24.20 -54.15 31.51
N GLU C 255 24.72 -55.05 30.68
CA GLU C 255 26.03 -55.72 30.96
C GLU C 255 27.16 -54.67 31.04
N TRP C 256 26.97 -53.48 30.47
CA TRP C 256 28.00 -52.41 30.50
C TRP C 256 28.08 -51.79 31.90
N SER C 257 27.16 -52.12 32.82
CA SER C 257 27.32 -51.82 34.26
C SER C 257 28.69 -52.31 34.79
N ALA C 258 29.23 -53.39 34.23
CA ALA C 258 30.51 -54.02 34.64
C ALA C 258 31.68 -53.03 34.52
N PHE C 259 31.51 -51.96 33.75
CA PHE C 259 32.56 -50.93 33.50
C PHE C 259 32.48 -49.81 34.54
N VAL C 260 31.40 -49.70 35.30
CA VAL C 260 31.19 -48.55 36.22
C VAL C 260 32.33 -48.49 37.26
N PRO C 261 32.76 -49.60 37.94
CA PRO C 261 33.79 -49.49 38.98
C PRO C 261 35.17 -49.02 38.46
N GLU C 262 35.42 -49.16 37.17
CA GLU C 262 36.65 -48.62 36.54
C GLU C 262 36.56 -47.09 36.40
N HIS C 263 35.39 -46.45 36.57
CA HIS C 263 35.22 -44.99 36.32
C HIS C 263 34.66 -44.27 37.58
N PHE C 264 34.31 -44.98 38.65
CA PHE C 264 33.70 -44.38 39.86
C PHE C 264 34.42 -44.97 41.07
N ASP C 265 34.80 -44.14 42.03
CA ASP C 265 35.27 -44.59 43.36
C ASP C 265 34.12 -45.23 44.15
N ASP C 266 32.90 -44.69 44.06
CA ASP C 266 31.86 -44.88 45.13
C ASP C 266 30.48 -45.12 44.50
N ALA C 267 30.30 -46.19 43.71
CA ALA C 267 29.07 -46.47 42.95
C ALA C 267 28.34 -47.70 43.46
N ARG C 268 27.06 -47.57 43.83
CA ARG C 268 26.17 -48.72 44.11
C ARG C 268 25.35 -48.99 42.85
N ILE C 269 25.44 -50.20 42.30
CA ILE C 269 24.76 -50.60 41.05
C ILE C 269 23.60 -51.54 41.36
N SER C 270 22.43 -51.24 40.81
CA SER C 270 21.26 -52.11 40.82
C SER C 270 20.56 -52.04 39.45
N PHE C 271 19.58 -52.91 39.24
CA PHE C 271 18.88 -53.08 37.95
C PHE C 271 17.38 -52.93 38.13
N CYS C 272 16.76 -52.24 37.20
CA CYS C 272 15.30 -52.26 37.06
C CYS C 272 14.92 -53.39 36.11
N GLU C 273 14.31 -54.44 36.67
CA GLU C 273 14.04 -55.73 35.98
C GLU C 273 12.96 -55.53 34.93
N SER C 274 12.08 -54.54 35.07
CA SER C 274 10.89 -54.39 34.19
C SER C 274 11.11 -53.33 33.10
N ALA C 275 12.30 -52.72 33.03
CA ALA C 275 12.51 -51.54 32.18
C ALA C 275 13.58 -51.81 31.14
N GLY C 276 13.38 -51.15 30.01
CA GLY C 276 14.41 -50.91 29.00
C GLY C 276 15.16 -49.62 29.25
N HIS C 277 15.22 -48.79 28.22
CA HIS C 277 16.12 -47.62 28.19
C HIS C 277 15.56 -46.47 29.04
N PHE C 278 14.25 -46.40 29.26
CA PHE C 278 13.65 -45.22 29.94
C PHE C 278 13.11 -45.67 31.30
N VAL C 279 13.99 -45.97 32.25
CA VAL C 279 13.55 -46.46 33.57
C VAL C 279 12.55 -45.48 34.19
N HIS C 280 12.82 -44.18 34.09
CA HIS C 280 12.08 -43.09 34.76
C HIS C 280 10.65 -42.95 34.22
N VAL C 281 10.36 -43.48 33.03
CA VAL C 281 9.02 -43.42 32.39
C VAL C 281 8.35 -44.79 32.48
N GLU C 282 9.13 -45.86 32.21
CA GLU C 282 8.62 -47.24 32.17
C GLU C 282 8.32 -47.73 33.59
N ALA C 283 9.11 -47.38 34.60
CA ALA C 283 8.97 -47.90 35.99
C ALA C 283 9.05 -46.75 36.97
N PRO C 284 8.18 -45.73 36.86
CA PRO C 284 8.29 -44.51 37.61
C PRO C 284 8.17 -44.68 39.13
N ASP C 285 7.35 -45.63 39.60
CA ASP C 285 7.17 -45.82 41.07
C ASP C 285 8.51 -46.26 41.67
N GLU C 286 9.15 -47.27 41.06
CA GLU C 286 10.44 -47.83 41.51
C GLU C 286 11.54 -46.76 41.34
N ALA C 287 11.58 -46.07 40.20
CA ALA C 287 12.58 -45.03 39.96
C ALA C 287 12.44 -43.90 41.01
N ALA C 288 11.22 -43.46 41.31
CA ALA C 288 10.97 -42.44 42.34
C ALA C 288 11.52 -42.90 43.70
N ASP C 289 11.33 -44.17 44.05
CA ASP C 289 11.74 -44.75 45.35
C ASP C 289 13.26 -44.78 45.43
N VAL C 290 13.90 -45.24 44.37
CA VAL C 290 15.39 -45.24 44.26
C VAL C 290 15.90 -43.81 44.45
N LEU C 291 15.32 -42.84 43.74
CA LEU C 291 15.74 -41.42 43.87
C LEU C 291 15.50 -40.93 45.31
N ALA C 292 14.30 -41.13 45.89
CA ALA C 292 13.95 -40.61 47.24
C ALA C 292 14.92 -41.20 48.28
N GLU C 293 15.24 -42.47 48.12
CA GLU C 293 16.14 -43.19 49.04
C GLU C 293 17.54 -42.61 48.92
N PHE C 294 18.02 -42.34 47.71
CA PHE C 294 19.45 -41.97 47.51
C PHE C 294 19.71 -40.51 47.92
N PHE C 295 18.76 -39.64 47.61
CA PHE C 295 18.92 -38.19 47.80
C PHE C 295 18.23 -37.70 49.08
N GLY C 296 17.33 -38.49 49.68
CA GLY C 296 16.48 -38.00 50.78
C GLY C 296 17.18 -38.15 52.11
N SER D 2 -40.17 33.67 -43.60
CA SER D 2 -38.76 34.21 -43.79
C SER D 2 -37.85 33.79 -42.64
N SER D 3 -38.38 33.76 -41.39
CA SER D 3 -37.64 33.45 -40.15
C SER D 3 -37.22 31.97 -40.09
N ASP D 4 -36.43 31.66 -39.08
CA ASP D 4 -36.02 30.26 -38.76
C ASP D 4 -37.25 29.41 -38.37
N PHE D 5 -38.37 30.04 -38.02
CA PHE D 5 -39.62 29.35 -37.57
C PHE D 5 -40.63 29.20 -38.71
N ALA D 6 -40.27 29.60 -39.92
CA ALA D 6 -41.10 29.34 -41.12
C ALA D 6 -41.36 27.84 -41.18
N THR D 7 -42.49 27.41 -41.72
CA THR D 7 -42.81 25.97 -41.89
C THR D 7 -42.16 25.51 -43.19
N PRO D 8 -41.24 24.53 -43.20
CA PRO D 8 -40.68 24.07 -44.47
C PRO D 8 -41.73 23.35 -45.30
N PRO D 9 -41.68 23.44 -46.66
CA PRO D 9 -42.54 22.62 -47.51
C PRO D 9 -42.23 21.13 -47.28
N GLY D 10 -43.27 20.31 -47.19
CA GLY D 10 -43.14 18.85 -47.01
C GLY D 10 -43.36 18.42 -45.56
N LEU D 11 -43.48 19.37 -44.62
CA LEU D 11 -43.68 19.04 -43.19
C LEU D 11 -45.00 18.29 -43.06
N ARG D 12 -44.97 17.10 -42.45
CA ARG D 12 -46.17 16.28 -42.18
C ARG D 12 -46.39 16.18 -40.68
N HIS D 13 -47.66 16.00 -40.33
CA HIS D 13 -48.15 15.93 -38.94
C HIS D 13 -49.03 14.70 -38.76
N ARG D 14 -48.86 13.93 -37.67
CA ARG D 14 -49.75 12.80 -37.32
C ARG D 14 -50.03 12.85 -35.83
N GLN D 15 -51.18 12.32 -35.41
CA GLN D 15 -51.51 11.90 -34.01
C GLN D 15 -51.27 10.39 -33.98
N ILE D 16 -50.22 9.93 -33.30
CA ILE D 16 -49.81 8.50 -33.32
C ILE D 16 -50.08 7.90 -31.94
N ALA D 17 -50.76 6.76 -31.88
CA ALA D 17 -51.03 5.99 -30.66
C ALA D 17 -49.74 5.29 -30.25
N VAL D 18 -49.28 5.56 -29.03
CA VAL D 18 -48.08 4.89 -28.47
C VAL D 18 -48.35 4.57 -27.00
N ARG D 19 -48.11 3.34 -26.59
CA ARG D 19 -48.45 2.82 -25.25
C ARG D 19 -49.85 3.34 -24.92
N ASP D 20 -50.02 3.97 -23.77
CA ASP D 20 -51.33 4.43 -23.22
C ASP D 20 -51.66 5.85 -23.62
N THR D 21 -51.06 6.37 -24.68
CA THR D 21 -51.16 7.81 -24.99
C THR D 21 -51.26 8.05 -26.49
N THR D 22 -51.47 9.30 -26.87
CA THR D 22 -51.43 9.74 -28.29
C THR D 22 -50.45 10.90 -28.39
N LEU D 23 -49.45 10.80 -29.26
CA LEU D 23 -48.42 11.84 -29.48
C LEU D 23 -48.67 12.51 -30.83
N HIS D 24 -48.61 13.84 -30.82
CA HIS D 24 -48.38 14.67 -32.03
C HIS D 24 -46.95 14.43 -32.50
N VAL D 25 -46.78 14.06 -33.76
CA VAL D 25 -45.43 13.83 -34.33
C VAL D 25 -45.30 14.60 -35.63
N ALA D 26 -44.32 15.50 -35.71
CA ALA D 26 -43.99 16.21 -36.97
C ALA D 26 -42.84 15.44 -37.65
N GLU D 27 -42.96 15.20 -38.96
CA GLU D 27 -41.86 14.57 -39.73
C GLU D 27 -41.59 15.40 -40.99
N ILE D 28 -40.35 15.39 -41.43
CA ILE D 28 -39.97 15.90 -42.78
C ILE D 28 -38.76 15.11 -43.26
N GLY D 29 -38.57 15.05 -44.58
CA GLY D 29 -37.38 14.49 -45.23
C GLY D 29 -37.40 12.97 -45.33
N SER D 30 -38.56 12.32 -45.31
CA SER D 30 -38.61 10.82 -45.42
C SER D 30 -37.67 10.35 -46.55
N GLY D 31 -36.97 9.24 -46.32
CA GLY D 31 -35.98 8.67 -47.25
C GLY D 31 -34.56 8.97 -46.82
N GLY D 32 -34.30 10.13 -46.19
CA GLY D 32 -33.02 10.43 -45.53
C GLY D 32 -32.69 9.55 -44.30
N THR D 33 -31.52 9.75 -43.69
CA THR D 33 -31.03 9.08 -42.44
C THR D 33 -32.00 9.48 -41.33
N PRO D 34 -32.62 8.56 -40.57
CA PRO D 34 -33.62 8.97 -39.56
C PRO D 34 -33.01 9.52 -38.25
N VAL D 35 -33.47 10.71 -37.82
CA VAL D 35 -32.97 11.35 -36.58
C VAL D 35 -34.17 11.84 -35.75
N LEU D 36 -34.29 11.36 -34.52
CA LEU D 36 -35.39 11.68 -33.59
C LEU D 36 -34.95 12.90 -32.77
N LEU D 37 -35.72 13.98 -32.77
CA LEU D 37 -35.43 15.22 -32.04
C LEU D 37 -36.36 15.33 -30.82
N LEU D 38 -35.80 15.48 -29.61
CA LEU D 38 -36.53 15.47 -28.31
C LEU D 38 -36.36 16.84 -27.62
N HIS D 39 -37.43 17.62 -27.64
CA HIS D 39 -37.47 18.97 -27.02
C HIS D 39 -37.41 18.89 -25.49
N GLY D 40 -37.33 20.09 -24.90
CA GLY D 40 -37.30 20.29 -23.45
C GLY D 40 -38.47 21.08 -22.96
N TRP D 41 -38.32 21.61 -21.75
CA TRP D 41 -39.27 22.55 -21.15
C TRP D 41 -38.58 23.91 -21.18
N PRO D 42 -39.22 25.06 -21.55
CA PRO D 42 -40.62 25.17 -21.96
C PRO D 42 -40.76 25.20 -23.49
N GLU D 43 -40.79 24.03 -24.11
CA GLU D 43 -40.80 23.88 -25.57
C GLU D 43 -41.85 22.83 -25.96
N PHE D 44 -41.86 22.54 -27.24
CA PHE D 44 -42.70 21.52 -27.93
C PHE D 44 -42.01 21.35 -29.29
N TRP D 45 -42.61 20.62 -30.22
CA TRP D 45 -41.93 20.17 -31.46
C TRP D 45 -41.33 21.37 -32.22
N ALA D 46 -41.96 22.56 -32.16
CA ALA D 46 -41.67 23.67 -33.09
C ALA D 46 -40.30 24.27 -32.75
N THR D 47 -39.75 23.99 -31.57
CA THR D 47 -38.37 24.40 -31.24
C THR D 47 -37.38 23.83 -32.27
N TRP D 48 -37.72 22.76 -32.98
CA TRP D 48 -36.81 22.09 -33.97
C TRP D 48 -36.98 22.72 -35.36
N LEU D 49 -37.87 23.72 -35.51
CA LEU D 49 -38.16 24.27 -36.87
C LEU D 49 -36.90 24.90 -37.44
N PRO D 50 -36.08 25.66 -36.65
CA PRO D 50 -34.82 26.17 -37.18
C PRO D 50 -33.96 25.07 -37.81
N LEU D 51 -33.76 23.93 -37.13
CA LEU D 51 -32.94 22.80 -37.66
C LEU D 51 -33.67 22.12 -38.83
N MET D 52 -34.95 21.87 -38.72
CA MET D 52 -35.71 21.21 -39.81
C MET D 52 -35.57 22.01 -41.11
N ASN D 53 -35.61 23.35 -41.03
CA ASN D 53 -35.43 24.26 -42.18
C ASN D 53 -34.07 24.04 -42.86
N ARG D 54 -33.02 23.66 -42.13
CA ARG D 54 -31.62 23.52 -42.62
C ARG D 54 -31.26 22.09 -43.01
N LEU D 55 -31.98 21.07 -42.56
CA LEU D 55 -31.48 19.67 -42.66
C LEU D 55 -32.43 18.74 -43.41
N HIS D 56 -33.59 19.21 -43.87
CA HIS D 56 -34.66 18.29 -44.40
C HIS D 56 -34.23 17.60 -45.70
N ASP D 57 -33.37 18.21 -46.52
CA ASP D 57 -32.91 17.56 -47.77
C ASP D 57 -32.02 16.34 -47.45
N GLN D 58 -31.33 16.31 -46.31
CA GLN D 58 -30.37 15.23 -46.01
C GLN D 58 -30.96 14.22 -45.01
N PHE D 59 -31.73 14.68 -44.03
CA PHE D 59 -32.20 13.80 -42.91
C PHE D 59 -33.71 13.64 -42.93
N HIS D 60 -34.16 12.46 -42.52
CA HIS D 60 -35.57 12.20 -42.09
C HIS D 60 -35.69 12.60 -40.62
N LEU D 61 -36.22 13.79 -40.37
CA LEU D 61 -36.33 14.35 -39.00
C LEU D 61 -37.72 14.02 -38.43
N ILE D 62 -37.71 13.56 -37.19
CA ILE D 62 -38.91 13.07 -36.46
C ILE D 62 -38.91 13.90 -35.17
N ALA D 63 -39.88 14.79 -35.03
CA ALA D 63 -39.99 15.72 -33.89
C ALA D 63 -41.33 15.50 -33.20
N PRO D 64 -41.41 14.63 -32.16
CA PRO D 64 -42.63 14.47 -31.37
C PRO D 64 -42.82 15.59 -30.35
N ASP D 65 -44.07 15.88 -30.01
CA ASP D 65 -44.44 16.47 -28.71
C ASP D 65 -44.41 15.34 -27.66
N LEU D 66 -43.60 15.49 -26.62
CA LEU D 66 -43.59 14.46 -25.57
C LEU D 66 -44.98 14.42 -24.91
N ARG D 67 -45.31 13.30 -24.28
CA ARG D 67 -46.54 13.20 -23.48
C ARG D 67 -46.68 14.41 -22.55
N GLY D 68 -47.78 15.14 -22.66
CA GLY D 68 -48.13 16.27 -21.80
C GLY D 68 -47.64 17.60 -22.33
N PHE D 69 -47.17 17.64 -23.57
CA PHE D 69 -46.62 18.84 -24.24
C PHE D 69 -47.33 19.06 -25.57
N GLY D 70 -47.29 20.28 -26.08
CA GLY D 70 -47.72 20.63 -27.45
C GLY D 70 -49.11 20.10 -27.74
N ASP D 71 -49.28 19.35 -28.83
CA ASP D 71 -50.60 18.79 -29.24
C ASP D 71 -50.67 17.32 -28.89
N SER D 72 -49.76 16.80 -28.06
CA SER D 72 -49.90 15.43 -27.56
C SER D 72 -50.97 15.43 -26.47
N GLU D 73 -51.40 14.25 -26.07
CA GLU D 73 -52.45 14.03 -25.05
C GLU D 73 -51.93 14.43 -23.67
N LYS D 74 -52.79 15.09 -22.88
CA LYS D 74 -52.58 15.44 -21.46
C LYS D 74 -53.50 14.61 -20.56
N SER D 75 -53.10 14.38 -19.31
CA SER D 75 -53.96 13.82 -18.23
C SER D 75 -54.83 14.95 -17.69
N ALA D 76 -55.98 14.65 -17.10
CA ALA D 76 -56.90 15.66 -16.51
C ALA D 76 -56.31 16.20 -15.19
N VAL D 77 -55.53 15.43 -14.46
CA VAL D 77 -55.07 15.90 -13.11
C VAL D 77 -53.55 15.76 -13.02
N PRO D 78 -52.90 16.55 -12.13
CA PRO D 78 -51.45 16.49 -11.93
C PRO D 78 -50.94 15.08 -11.61
N ARG D 79 -49.80 14.72 -12.20
CA ARG D 79 -49.19 13.37 -12.08
C ARG D 79 -47.73 13.49 -11.66
N SER D 80 -47.15 12.40 -11.16
CA SER D 80 -45.75 12.26 -10.71
C SER D 80 -45.05 11.06 -11.35
N ASP D 81 -45.63 10.44 -12.38
CA ASP D 81 -45.09 9.20 -12.98
C ASP D 81 -44.81 9.41 -14.48
N VAL D 82 -44.54 10.64 -14.90
CA VAL D 82 -44.22 10.93 -16.33
C VAL D 82 -42.78 11.47 -16.37
N GLY D 83 -41.80 10.63 -16.01
CA GLY D 83 -40.41 11.06 -15.96
C GLY D 83 -39.67 10.55 -17.17
N ALA D 84 -38.35 10.46 -17.04
CA ALA D 84 -37.42 10.09 -18.11
C ALA D 84 -37.78 8.70 -18.64
N ASN D 85 -38.04 7.74 -17.76
CA ASN D 85 -38.26 6.32 -18.18
C ASN D 85 -39.54 6.23 -18.99
N SER D 86 -40.54 7.05 -18.65
CA SER D 86 -41.85 7.06 -19.32
C SER D 86 -41.70 7.68 -20.70
N HIS D 87 -41.01 8.81 -20.85
CA HIS D 87 -40.75 9.41 -22.17
C HIS D 87 -39.93 8.43 -23.03
N ALA D 88 -38.92 7.79 -22.46
CA ALA D 88 -38.08 6.80 -23.19
C ALA D 88 -38.95 5.64 -23.72
N ASP D 89 -39.81 5.07 -22.89
CA ASP D 89 -40.68 3.92 -23.30
C ASP D 89 -41.66 4.38 -24.38
N ASP D 90 -42.12 5.62 -24.31
CA ASP D 90 -42.98 6.24 -25.35
C ASP D 90 -42.20 6.30 -26.66
N MET D 91 -40.97 6.80 -26.61
CA MET D 91 -40.13 6.98 -27.82
C MET D 91 -39.86 5.61 -28.45
N ALA D 92 -39.61 4.57 -27.67
CA ALA D 92 -39.37 3.19 -28.16
C ALA D 92 -40.62 2.70 -28.90
N ALA D 93 -41.82 2.94 -28.37
CA ALA D 93 -43.08 2.47 -28.99
C ALA D 93 -43.31 3.33 -30.25
N LEU D 94 -42.93 4.62 -30.24
CA LEU D 94 -43.08 5.49 -31.42
C LEU D 94 -42.21 4.95 -32.56
N LEU D 95 -40.96 4.63 -32.27
CA LEU D 95 -40.03 4.10 -33.30
C LEU D 95 -40.61 2.78 -33.86
N GLY D 96 -41.19 1.94 -33.00
CA GLY D 96 -41.92 0.71 -33.41
C GLY D 96 -43.07 1.02 -34.36
N ALA D 97 -43.90 2.03 -34.06
CA ALA D 97 -45.07 2.44 -34.86
C ALA D 97 -44.61 2.99 -36.21
N LEU D 98 -43.41 3.58 -36.32
CA LEU D 98 -42.88 4.17 -37.58
C LEU D 98 -42.08 3.11 -38.36
N GLY D 99 -41.88 1.91 -37.81
CA GLY D 99 -41.16 0.79 -38.48
C GLY D 99 -39.65 1.02 -38.52
N LEU D 100 -39.06 1.67 -37.51
CA LEU D 100 -37.64 2.07 -37.51
C LEU D 100 -36.93 1.23 -36.46
N GLU D 101 -35.99 0.44 -36.92
CA GLU D 101 -35.20 -0.50 -36.09
C GLU D 101 -34.17 0.32 -35.32
N SER D 102 -33.69 1.43 -35.88
CA SER D 102 -32.66 2.28 -35.20
C SER D 102 -32.53 3.67 -35.80
N VAL D 103 -32.24 4.64 -34.95
CA VAL D 103 -32.25 6.07 -35.33
C VAL D 103 -31.14 6.77 -34.56
N GLY D 104 -30.69 7.90 -35.11
CA GLY D 104 -29.95 8.90 -34.35
C GLY D 104 -30.92 9.63 -33.42
N VAL D 105 -30.47 10.03 -32.23
CA VAL D 105 -31.33 10.75 -31.28
C VAL D 105 -30.64 12.04 -30.90
N VAL D 106 -31.41 13.12 -30.85
CA VAL D 106 -30.97 14.47 -30.44
C VAL D 106 -31.85 14.88 -29.27
N GLY D 107 -31.25 15.43 -28.23
CA GLY D 107 -31.96 15.87 -27.02
C GLY D 107 -31.29 17.05 -26.37
N HIS D 108 -32.07 17.88 -25.70
CA HIS D 108 -31.53 18.81 -24.68
C HIS D 108 -32.57 18.94 -23.56
N ASP D 109 -32.14 19.32 -22.36
CA ASP D 109 -33.10 19.58 -21.26
C ASP D 109 -33.88 18.25 -21.04
N VAL D 110 -35.20 18.30 -20.86
CA VAL D 110 -36.08 17.09 -20.71
C VAL D 110 -35.64 16.03 -21.74
N GLY D 111 -35.57 16.38 -23.01
CA GLY D 111 -35.16 15.49 -24.10
C GLY D 111 -33.81 14.82 -23.88
N ALA D 112 -32.87 15.46 -23.19
CA ALA D 112 -31.56 14.87 -22.88
C ALA D 112 -31.78 13.75 -21.85
N TYR D 113 -32.62 13.95 -20.85
CA TYR D 113 -32.87 12.89 -19.83
C TYR D 113 -33.63 11.76 -20.51
N ALA D 114 -34.56 12.07 -21.43
CA ALA D 114 -35.36 11.07 -22.17
C ALA D 114 -34.46 10.25 -23.09
N ALA D 115 -33.48 10.91 -23.72
CA ALA D 115 -32.57 10.28 -24.72
C ALA D 115 -31.63 9.33 -24.00
N GLN D 116 -31.14 9.73 -22.84
CA GLN D 116 -30.27 8.89 -21.99
C GLN D 116 -31.05 7.63 -21.61
N ALA D 117 -32.25 7.80 -21.10
CA ALA D 117 -33.15 6.67 -20.69
C ALA D 117 -33.49 5.78 -21.88
N LEU D 118 -33.65 6.33 -23.09
CA LEU D 118 -33.92 5.53 -24.31
C LEU D 118 -32.67 4.70 -24.66
N ALA D 119 -31.49 5.28 -24.55
CA ALA D 119 -30.22 4.62 -24.91
C ALA D 119 -29.94 3.51 -23.88
N ARG D 120 -30.34 3.67 -22.62
CA ARG D 120 -30.13 2.63 -21.57
C ARG D 120 -31.22 1.54 -21.65
N ARG D 121 -32.48 1.90 -21.87
CA ARG D 121 -33.61 0.96 -21.72
C ARG D 121 -33.88 0.22 -23.02
N HIS D 122 -33.56 0.83 -24.16
CA HIS D 122 -33.90 0.28 -25.49
C HIS D 122 -32.68 0.46 -26.38
N PRO D 123 -31.48 0.00 -25.94
CA PRO D 123 -30.22 0.33 -26.63
C PRO D 123 -30.18 -0.04 -28.10
N GLN D 124 -30.86 -1.13 -28.50
CA GLN D 124 -30.85 -1.59 -29.91
C GLN D 124 -31.42 -0.52 -30.84
N LEU D 125 -32.28 0.36 -30.32
CA LEU D 125 -33.01 1.37 -31.13
C LEU D 125 -32.16 2.64 -31.35
N VAL D 126 -31.10 2.84 -30.58
CA VAL D 126 -30.27 4.09 -30.64
C VAL D 126 -28.93 3.78 -31.29
N ASP D 127 -28.72 4.35 -32.47
CA ASP D 127 -27.44 4.28 -33.24
C ASP D 127 -26.37 5.13 -32.53
N ARG D 128 -26.71 6.37 -32.25
CA ARG D 128 -25.81 7.39 -31.69
C ARG D 128 -26.67 8.58 -31.26
N LEU D 129 -26.07 9.42 -30.43
CA LEU D 129 -26.75 10.48 -29.67
C LEU D 129 -26.04 11.80 -29.86
N LEU D 130 -26.80 12.89 -29.97
CA LEU D 130 -26.29 14.27 -29.90
C LEU D 130 -27.08 15.00 -28.82
N PHE D 131 -26.38 15.63 -27.89
CA PHE D 131 -26.93 16.51 -26.85
C PHE D 131 -26.49 17.95 -27.13
N PHE D 132 -27.36 18.91 -26.84
CA PHE D 132 -27.02 20.35 -26.84
C PHE D 132 -26.87 20.87 -25.41
N ASN D 133 -27.15 20.01 -24.45
CA ASN D 133 -26.65 20.08 -23.06
C ASN D 133 -26.90 18.67 -22.53
N CYS D 134 -26.19 18.27 -21.50
CA CYS D 134 -26.13 16.86 -21.12
C CYS D 134 -26.00 16.75 -19.62
N PRO D 135 -27.08 17.15 -18.90
CA PRO D 135 -27.15 16.99 -17.46
C PRO D 135 -27.07 15.51 -17.14
N THR D 136 -26.32 15.17 -16.10
CA THR D 136 -26.20 13.79 -15.61
C THR D 136 -26.45 13.79 -14.11
N ALA D 137 -26.50 12.61 -13.52
CA ALA D 137 -26.76 12.43 -12.07
C ALA D 137 -25.56 12.93 -11.25
N SER D 138 -24.35 12.97 -11.83
CA SER D 138 -23.12 13.44 -11.17
C SER D 138 -23.16 14.94 -10.88
N VAL D 139 -24.04 15.70 -11.53
CA VAL D 139 -24.13 17.17 -11.27
C VAL D 139 -24.32 17.36 -9.77
N GLY D 140 -25.29 16.65 -9.20
CA GLY D 140 -25.40 16.44 -7.75
C GLY D 140 -25.54 17.75 -7.00
N GLY D 141 -24.67 17.99 -6.01
CA GLY D 141 -24.57 19.23 -5.20
C GLY D 141 -24.44 20.51 -6.02
N ALA D 142 -23.88 20.46 -7.24
CA ALA D 142 -23.68 21.67 -8.07
C ALA D 142 -25.03 22.28 -8.46
N TRP D 143 -26.14 21.54 -8.30
CA TRP D 143 -27.49 22.06 -8.55
C TRP D 143 -27.75 23.22 -7.58
N VAL D 144 -27.23 23.13 -6.36
CA VAL D 144 -27.61 24.09 -5.27
C VAL D 144 -26.42 24.83 -4.67
N HIS D 145 -25.17 24.48 -4.97
CA HIS D 145 -24.00 25.18 -4.37
C HIS D 145 -23.52 26.33 -5.28
N HIS D 146 -22.64 27.19 -4.77
CA HIS D 146 -21.93 28.23 -5.56
C HIS D 146 -22.98 29.15 -6.17
N GLY D 147 -24.07 29.41 -5.47
CA GLY D 147 -25.08 30.42 -5.87
C GLY D 147 -26.15 29.78 -6.74
N HIS D 148 -25.98 28.51 -7.12
CA HIS D 148 -26.86 27.89 -8.16
C HIS D 148 -28.28 27.67 -7.64
N VAL D 149 -28.47 27.64 -6.32
CA VAL D 149 -29.83 27.54 -5.74
C VAL D 149 -30.71 28.68 -6.29
N ASN D 150 -30.15 29.85 -6.57
CA ASN D 150 -30.95 31.00 -7.05
C ASN D 150 -31.51 30.72 -8.47
N GLU D 151 -30.93 29.79 -9.25
CA GLU D 151 -31.37 29.50 -10.65
C GLU D 151 -32.43 28.40 -10.69
N VAL D 152 -32.58 27.56 -9.66
CA VAL D 152 -33.36 26.29 -9.72
C VAL D 152 -34.71 26.41 -9.04
N TRP D 153 -35.06 27.62 -8.53
CA TRP D 153 -36.35 27.86 -7.85
C TRP D 153 -37.53 27.27 -8.65
N TYR D 154 -37.58 27.50 -9.96
CA TYR D 154 -38.72 27.16 -10.85
C TYR D 154 -38.96 25.65 -10.78
N GLN D 155 -37.91 24.83 -10.59
CA GLN D 155 -38.07 23.36 -10.60
C GLN D 155 -38.98 22.94 -9.43
N SER D 156 -38.95 23.68 -8.31
CA SER D 156 -39.75 23.35 -7.10
C SER D 156 -41.08 24.09 -7.17
N PHE D 157 -41.05 25.34 -7.59
CA PHE D 157 -42.29 26.14 -7.74
C PHE D 157 -43.26 25.41 -8.69
N GLN D 158 -42.76 24.80 -9.76
CA GLN D 158 -43.60 24.26 -10.87
C GLN D 158 -44.25 22.93 -10.46
N GLN D 159 -43.81 22.36 -9.34
CA GLN D 159 -44.44 21.17 -8.73
C GLN D 159 -45.73 21.53 -7.97
N LEU D 160 -45.97 22.79 -7.64
CA LEU D 160 -47.12 23.19 -6.78
C LEU D 160 -48.32 23.51 -7.62
N GLY D 161 -49.50 23.20 -7.07
CA GLY D 161 -50.79 23.67 -7.62
C GLY D 161 -50.81 25.18 -7.79
N LEU D 162 -50.18 25.92 -6.88
CA LEU D 162 -50.03 27.39 -7.02
C LEU D 162 -49.46 27.77 -8.40
N ALA D 163 -48.49 27.04 -8.98
CA ALA D 163 -47.79 27.44 -10.22
C ALA D 163 -48.79 27.41 -11.36
N GLU D 164 -49.62 26.38 -11.41
CA GLU D 164 -50.66 26.24 -12.48
C GLU D 164 -51.72 27.37 -12.31
N ALA D 165 -52.16 27.66 -11.10
CA ALA D 165 -53.25 28.65 -10.85
C ALA D 165 -52.72 30.06 -11.17
N LEU D 166 -51.49 30.37 -10.77
CA LEU D 166 -50.90 31.72 -10.93
C LEU D 166 -50.53 31.96 -12.38
N VAL D 167 -49.76 31.05 -12.98
CA VAL D 167 -49.21 31.28 -14.35
C VAL D 167 -50.38 31.22 -15.34
N GLY D 168 -51.39 30.40 -15.08
CA GLY D 168 -52.58 30.22 -15.95
C GLY D 168 -53.67 31.23 -15.63
N THR D 169 -53.43 32.26 -14.82
CA THR D 169 -54.48 33.28 -14.51
C THR D 169 -54.99 33.90 -15.80
N SER D 170 -54.13 34.25 -16.76
CA SER D 170 -54.52 34.95 -18.00
C SER D 170 -53.43 34.83 -19.06
N ARG D 171 -53.71 35.24 -20.30
CA ARG D 171 -52.68 35.27 -21.36
C ARG D 171 -51.53 36.15 -20.87
N GLU D 172 -51.82 37.26 -20.19
CA GLU D 172 -50.78 38.20 -19.72
C GLU D 172 -49.90 37.52 -18.66
N THR D 173 -50.42 36.73 -17.75
CA THR D 173 -49.57 36.07 -16.72
C THR D 173 -48.72 34.99 -17.40
N CYS D 174 -49.30 34.32 -18.38
CA CYS D 174 -48.63 33.29 -19.20
C CYS D 174 -47.45 33.89 -19.96
N ALA D 175 -47.69 34.99 -20.66
CA ALA D 175 -46.68 35.67 -21.51
C ALA D 175 -45.52 36.10 -20.59
N LEU D 176 -45.84 36.67 -19.45
CA LEU D 176 -44.84 37.22 -18.51
C LEU D 176 -43.99 36.05 -18.00
N TYR D 177 -44.59 34.93 -17.63
CA TYR D 177 -43.82 33.81 -17.03
C TYR D 177 -42.90 33.19 -18.10
N PHE D 178 -43.42 32.86 -19.28
CA PHE D 178 -42.63 32.15 -20.33
C PHE D 178 -41.59 33.08 -20.94
N ARG D 179 -41.91 34.36 -21.13
CA ARG D 179 -40.91 35.36 -21.55
C ARG D 179 -39.70 35.38 -20.61
N HIS D 180 -39.89 35.30 -19.30
CA HIS D 180 -38.76 35.28 -18.34
C HIS D 180 -37.78 34.15 -18.72
N PHE D 181 -38.24 32.93 -18.97
CA PHE D 181 -37.34 31.76 -19.22
C PHE D 181 -36.65 31.87 -20.59
N LEU D 182 -37.42 32.17 -21.63
CA LEU D 182 -36.92 32.30 -23.03
C LEU D 182 -35.83 33.39 -23.09
N GLU D 183 -35.98 34.50 -22.36
CA GLU D 183 -34.98 35.59 -22.32
C GLU D 183 -33.82 35.23 -21.36
N HIS D 184 -34.09 34.89 -20.10
CA HIS D 184 -33.02 34.66 -19.09
C HIS D 184 -32.13 33.45 -19.49
N TRP D 185 -32.64 32.41 -20.13
CA TRP D 185 -31.85 31.17 -20.43
C TRP D 185 -31.12 31.30 -21.77
N SER D 186 -31.51 32.27 -22.58
CA SER D 186 -30.89 32.57 -23.89
C SER D 186 -29.72 33.53 -23.71
N HIS D 187 -28.67 33.38 -24.51
CA HIS D 187 -27.63 34.42 -24.72
C HIS D 187 -28.07 35.33 -25.87
N ARG D 188 -28.60 34.80 -26.97
CA ARG D 188 -29.19 35.65 -28.05
C ARG D 188 -30.63 35.99 -27.64
N LYS D 189 -30.86 37.19 -27.11
CA LYS D 189 -32.08 37.52 -26.29
C LYS D 189 -33.35 37.62 -27.15
N ASP D 190 -33.25 37.74 -28.48
CA ASP D 190 -34.43 37.86 -29.37
C ASP D 190 -34.66 36.56 -30.15
N ALA D 191 -33.97 35.47 -29.83
CA ALA D 191 -33.99 34.20 -30.59
C ALA D 191 -35.43 33.72 -30.80
N PHE D 192 -36.29 33.86 -29.79
CA PHE D 192 -37.67 33.31 -29.82
C PHE D 192 -38.69 34.36 -30.29
N GLU D 193 -38.35 35.65 -30.42
CA GLU D 193 -39.34 36.72 -30.76
C GLU D 193 -40.22 36.35 -31.95
N PRO D 194 -39.72 35.92 -33.14
CA PRO D 194 -40.63 35.60 -34.24
C PRO D 194 -41.67 34.47 -33.98
N ALA D 195 -41.47 33.64 -32.94
CA ALA D 195 -42.35 32.51 -32.59
C ALA D 195 -43.06 32.77 -31.25
N PHE D 196 -42.92 33.95 -30.67
CA PHE D 196 -43.31 34.19 -29.26
C PHE D 196 -44.83 34.03 -29.12
N GLU D 197 -45.59 34.50 -30.11
CA GLU D 197 -47.07 34.46 -30.06
C GLU D 197 -47.52 32.99 -30.11
N LEU D 198 -46.92 32.19 -30.97
CA LEU D 198 -47.28 30.75 -31.08
C LEU D 198 -46.80 30.01 -29.80
N TRP D 199 -45.75 30.47 -29.16
CA TRP D 199 -45.23 29.87 -27.90
C TRP D 199 -46.28 30.06 -26.82
N ILE D 200 -46.84 31.28 -26.71
CA ILE D 200 -47.89 31.58 -25.71
C ILE D 200 -49.17 30.84 -26.11
N ASP D 201 -49.52 30.80 -27.38
CA ASP D 201 -50.71 30.04 -27.82
C ASP D 201 -50.54 28.61 -27.30
N ASN D 202 -49.36 28.03 -27.43
CA ASN D 202 -49.08 26.63 -27.01
C ASN D 202 -49.33 26.47 -25.50
N PHE D 203 -48.80 27.38 -24.68
CA PHE D 203 -48.93 27.25 -23.20
C PHE D 203 -50.32 27.73 -22.69
N MET D 204 -51.16 28.34 -23.54
CA MET D 204 -52.58 28.61 -23.20
C MET D 204 -53.47 27.43 -23.61
N LYS D 205 -52.97 26.44 -24.33
CA LYS D 205 -53.84 25.26 -24.64
C LYS D 205 -54.15 24.55 -23.33
N PRO D 206 -55.40 24.07 -23.12
CA PRO D 206 -55.74 23.39 -21.87
C PRO D 206 -54.81 22.19 -21.61
N GLY D 207 -54.32 22.12 -20.38
CA GLY D 207 -53.41 21.09 -19.89
C GLY D 207 -51.92 21.37 -20.15
N ASN D 208 -51.54 22.32 -21.02
CA ASN D 208 -50.11 22.44 -21.42
C ASN D 208 -49.24 23.04 -20.30
N LEU D 209 -49.80 23.77 -19.35
CA LEU D 209 -49.05 24.17 -18.13
C LEU D 209 -48.81 22.96 -17.26
N ARG D 210 -49.87 22.21 -16.94
CA ARG D 210 -49.85 21.09 -15.98
C ARG D 210 -48.98 19.96 -16.56
N GLY D 211 -49.13 19.70 -17.85
CA GLY D 211 -48.40 18.64 -18.55
C GLY D 211 -46.90 18.88 -18.55
N GLY D 212 -46.48 20.14 -18.72
CA GLY D 212 -45.05 20.49 -18.59
C GLY D 212 -44.58 20.36 -17.17
N PHE D 213 -45.39 20.81 -16.22
CA PHE D 213 -45.04 20.82 -14.78
C PHE D 213 -44.97 19.40 -14.22
N ASP D 214 -45.68 18.44 -14.80
CA ASP D 214 -45.64 17.01 -14.43
C ASP D 214 -44.22 16.46 -14.53
N TRP D 215 -43.43 16.97 -15.48
CA TRP D 215 -41.99 16.60 -15.60
C TRP D 215 -41.28 16.84 -14.26
N TYR D 216 -41.50 18.01 -13.65
CA TYR D 216 -40.75 18.43 -12.43
C TYR D 216 -41.24 17.65 -11.21
N ARG D 217 -42.53 17.27 -11.16
CA ARG D 217 -43.08 16.37 -10.09
C ARG D 217 -42.43 14.99 -10.23
N SER D 218 -42.32 14.57 -11.48
CA SER D 218 -41.91 13.20 -11.84
C SER D 218 -40.42 13.03 -11.56
N GLN D 219 -39.59 14.07 -11.79
CA GLN D 219 -38.11 13.97 -11.65
C GLN D 219 -37.66 14.37 -10.25
N ASN D 220 -38.56 14.83 -9.38
CA ASN D 220 -38.13 15.47 -8.13
C ASN D 220 -37.36 14.47 -7.27
N ALA D 221 -37.85 13.25 -7.09
CA ALA D 221 -37.18 12.30 -6.15
C ALA D 221 -35.77 11.97 -6.66
N LEU D 222 -35.55 11.85 -7.97
CA LEU D 222 -34.21 11.57 -8.56
C LEU D 222 -33.29 12.79 -8.35
N ARG D 223 -33.84 13.99 -8.51
CA ARG D 223 -33.08 15.25 -8.33
C ARG D 223 -32.62 15.34 -6.87
N LEU D 224 -33.53 15.14 -5.90
CA LEU D 224 -33.19 15.23 -4.46
C LEU D 224 -32.10 14.20 -4.12
N ALA D 225 -32.18 12.97 -4.65
CA ALA D 225 -31.16 11.95 -4.37
C ALA D 225 -29.80 12.44 -4.90
N ALA D 226 -29.75 12.95 -6.12
CA ALA D 226 -28.51 13.46 -6.77
C ALA D 226 -27.92 14.59 -5.93
N ILE D 227 -28.77 15.53 -5.48
CA ILE D 227 -28.32 16.73 -4.72
C ILE D 227 -27.64 16.29 -3.42
N ASP D 228 -28.15 15.27 -2.72
CA ASP D 228 -27.56 14.76 -1.47
C ASP D 228 -26.45 13.73 -1.77
N GLY D 229 -25.98 13.61 -3.02
CA GLY D 229 -24.81 12.79 -3.36
C GLY D 229 -25.08 11.28 -3.33
N HIS D 230 -26.33 10.82 -3.40
CA HIS D 230 -26.61 9.36 -3.49
C HIS D 230 -27.54 9.08 -4.66
N PRO D 231 -27.17 9.42 -5.93
CA PRO D 231 -27.99 9.06 -7.07
C PRO D 231 -27.99 7.53 -7.20
N THR D 232 -29.00 6.99 -7.84
CA THR D 232 -29.11 5.53 -8.08
C THR D 232 -28.06 5.21 -9.17
N PRO D 233 -27.02 4.39 -8.93
CA PRO D 233 -26.06 4.13 -10.00
C PRO D 233 -26.70 3.53 -11.24
N SER D 234 -26.14 3.81 -12.42
CA SER D 234 -26.61 3.34 -13.75
C SER D 234 -25.42 2.80 -14.56
N VAL D 235 -25.74 2.04 -15.58
CA VAL D 235 -24.73 1.59 -16.57
C VAL D 235 -24.32 2.81 -17.39
N ARG D 236 -23.12 2.80 -17.93
CA ARG D 236 -22.72 3.83 -18.92
C ARG D 236 -23.51 3.64 -20.22
N ILE D 237 -23.71 4.74 -20.94
CA ILE D 237 -24.25 4.73 -22.32
C ILE D 237 -23.10 4.35 -23.28
N HIS D 238 -23.30 3.29 -24.08
CA HIS D 238 -22.22 2.67 -24.89
C HIS D 238 -22.24 3.25 -26.31
N GLN D 239 -23.32 3.88 -26.73
CA GLN D 239 -23.46 4.38 -28.12
C GLN D 239 -22.56 5.58 -28.30
N PRO D 240 -21.94 5.75 -29.50
CA PRO D 240 -21.19 6.96 -29.82
C PRO D 240 -22.06 8.21 -29.55
N THR D 241 -21.49 9.16 -28.85
CA THR D 241 -22.19 10.36 -28.36
C THR D 241 -21.43 11.64 -28.72
N ARG D 242 -22.20 12.69 -28.97
CA ARG D 242 -21.75 14.02 -29.35
C ARG D 242 -22.47 14.99 -28.41
N VAL D 243 -21.73 15.93 -27.84
CA VAL D 243 -22.25 16.95 -26.90
C VAL D 243 -21.76 18.30 -27.42
N HIS D 244 -22.67 19.24 -27.63
CA HIS D 244 -22.37 20.59 -28.11
C HIS D 244 -23.13 21.55 -27.21
N TRP D 245 -22.51 21.90 -26.08
CA TRP D 245 -23.14 22.58 -24.94
C TRP D 245 -23.13 24.09 -25.17
N GLY D 246 -24.24 24.79 -24.95
CA GLY D 246 -24.22 26.27 -24.94
C GLY D 246 -23.26 26.79 -23.87
N ARG D 247 -22.24 27.53 -24.25
CA ARG D 247 -21.28 28.06 -23.23
C ARG D 247 -21.96 28.96 -22.19
N HIS D 248 -22.94 29.78 -22.56
CA HIS D 248 -23.58 30.75 -21.61
C HIS D 248 -24.84 30.18 -20.95
N ASP D 249 -25.13 28.89 -21.09
CA ASP D 249 -26.35 28.33 -20.43
C ASP D 249 -26.30 28.64 -18.94
N PRO D 250 -27.24 29.45 -18.38
CA PRO D 250 -27.21 29.75 -16.96
C PRO D 250 -27.83 28.69 -16.06
N ILE D 251 -28.58 27.73 -16.60
CA ILE D 251 -29.31 26.77 -15.72
C ILE D 251 -28.59 25.42 -15.78
N LEU D 252 -28.21 24.96 -16.97
CA LEU D 252 -27.31 23.78 -17.11
C LEU D 252 -25.93 24.30 -17.46
N LYS D 253 -25.09 24.50 -16.45
CA LYS D 253 -23.79 25.17 -16.60
C LYS D 253 -22.90 24.35 -17.53
N SER D 254 -22.21 24.98 -18.48
CA SER D 254 -21.38 24.26 -19.48
C SER D 254 -20.24 23.52 -18.76
N GLU D 255 -19.89 23.94 -17.55
CA GLU D 255 -18.87 23.28 -16.69
C GLU D 255 -19.29 21.83 -16.39
N TRP D 256 -20.60 21.55 -16.44
CA TRP D 256 -21.12 20.21 -16.15
C TRP D 256 -20.82 19.22 -17.28
N SER D 257 -20.21 19.66 -18.39
CA SER D 257 -19.54 18.79 -19.38
C SER D 257 -18.55 17.86 -18.70
N ALA D 258 -17.91 18.30 -17.62
CA ALA D 258 -16.94 17.53 -16.78
C ALA D 258 -17.53 16.16 -16.36
N PHE D 259 -18.84 16.07 -16.17
CA PHE D 259 -19.48 14.83 -15.65
C PHE D 259 -19.80 13.82 -16.77
N VAL D 260 -19.65 14.21 -18.04
CA VAL D 260 -20.11 13.41 -19.18
C VAL D 260 -19.25 12.15 -19.27
N PRO D 261 -17.91 12.23 -19.22
CA PRO D 261 -17.10 11.02 -19.41
C PRO D 261 -17.35 9.92 -18.35
N GLU D 262 -17.82 10.28 -17.15
CA GLU D 262 -18.25 9.30 -16.11
C GLU D 262 -19.39 8.42 -16.67
N HIS D 263 -20.28 8.96 -17.50
CA HIS D 263 -21.57 8.32 -17.87
C HIS D 263 -21.61 7.83 -19.33
N PHE D 264 -20.61 8.13 -20.16
CA PHE D 264 -20.55 7.75 -21.60
C PHE D 264 -19.21 7.07 -21.90
N ASP D 265 -19.23 5.96 -22.62
CA ASP D 265 -18.00 5.23 -23.06
C ASP D 265 -17.23 6.05 -24.12
N ASP D 266 -17.91 6.89 -24.90
CA ASP D 266 -17.38 7.45 -26.19
C ASP D 266 -18.14 8.75 -26.52
N ALA D 267 -17.69 9.88 -25.99
CA ALA D 267 -18.39 11.17 -26.11
C ALA D 267 -17.42 12.23 -26.66
N ARG D 268 -17.82 12.90 -27.72
CA ARG D 268 -17.07 13.99 -28.32
C ARG D 268 -17.74 15.28 -27.85
N ILE D 269 -17.02 16.07 -27.08
CA ILE D 269 -17.57 17.23 -26.32
C ILE D 269 -17.02 18.51 -26.91
N SER D 270 -17.90 19.44 -27.23
CA SER D 270 -17.53 20.78 -27.71
C SER D 270 -18.55 21.77 -27.16
N PHE D 271 -18.33 23.04 -27.40
CA PHE D 271 -19.18 24.13 -26.87
C PHE D 271 -19.62 25.04 -28.00
N CYS D 272 -20.80 25.61 -27.82
CA CYS D 272 -21.35 26.71 -28.66
C CYS D 272 -21.14 28.02 -27.91
N GLU D 273 -20.15 28.79 -28.39
CA GLU D 273 -19.69 30.05 -27.76
C GLU D 273 -20.77 31.12 -27.80
N SER D 274 -21.69 31.11 -28.76
CA SER D 274 -22.66 32.23 -28.90
C SER D 274 -24.04 31.85 -28.31
N ALA D 275 -24.19 30.69 -27.66
CA ALA D 275 -25.53 30.21 -27.23
C ALA D 275 -25.59 30.08 -25.72
N GLY D 276 -26.82 30.23 -25.20
CA GLY D 276 -27.21 29.84 -23.84
C GLY D 276 -27.83 28.46 -23.81
N HIS D 277 -29.03 28.34 -23.28
CA HIS D 277 -29.70 27.04 -23.05
C HIS D 277 -30.22 26.41 -24.34
N PHE D 278 -30.52 27.22 -25.34
CA PHE D 278 -31.22 26.80 -26.59
C PHE D 278 -30.28 26.85 -27.80
N VAL D 279 -29.31 25.94 -27.86
CA VAL D 279 -28.29 25.96 -28.94
C VAL D 279 -29.02 25.85 -30.28
N HIS D 280 -30.04 25.00 -30.36
CA HIS D 280 -30.73 24.66 -31.64
C HIS D 280 -31.55 25.82 -32.17
N VAL D 281 -31.86 26.81 -31.35
CA VAL D 281 -32.64 28.03 -31.74
C VAL D 281 -31.70 29.24 -31.82
N GLU D 282 -30.79 29.39 -30.88
CA GLU D 282 -29.90 30.58 -30.84
C GLU D 282 -28.81 30.51 -31.91
N ALA D 283 -28.27 29.33 -32.20
CA ALA D 283 -27.11 29.21 -33.12
C ALA D 283 -27.43 28.10 -34.11
N PRO D 284 -28.54 28.20 -34.86
CA PRO D 284 -29.04 27.10 -35.70
C PRO D 284 -28.09 26.65 -36.83
N ASP D 285 -27.32 27.57 -37.46
CA ASP D 285 -26.40 27.20 -38.56
C ASP D 285 -25.33 26.27 -37.98
N GLU D 286 -24.78 26.65 -36.85
CA GLU D 286 -23.71 25.87 -36.20
C GLU D 286 -24.27 24.54 -35.70
N ALA D 287 -25.42 24.56 -35.02
CA ALA D 287 -26.11 23.34 -34.53
C ALA D 287 -26.38 22.38 -35.71
N ALA D 288 -26.85 22.89 -36.85
CA ALA D 288 -27.11 22.05 -38.04
C ALA D 288 -25.82 21.41 -38.53
N ASP D 289 -24.72 22.17 -38.59
CA ASP D 289 -23.42 21.65 -39.05
C ASP D 289 -22.96 20.55 -38.10
N VAL D 290 -23.11 20.73 -36.78
CA VAL D 290 -22.67 19.68 -35.78
C VAL D 290 -23.47 18.42 -36.06
N LEU D 291 -24.77 18.58 -36.22
CA LEU D 291 -25.72 17.47 -36.42
C LEU D 291 -25.38 16.75 -37.73
N ALA D 292 -25.23 17.48 -38.84
CA ALA D 292 -24.95 16.89 -40.16
C ALA D 292 -23.60 16.16 -40.14
N GLU D 293 -22.58 16.72 -39.52
CA GLU D 293 -21.26 16.06 -39.43
C GLU D 293 -21.43 14.77 -38.62
N PHE D 294 -22.15 14.80 -37.51
CA PHE D 294 -22.22 13.64 -36.59
C PHE D 294 -23.07 12.49 -37.15
N PHE D 295 -24.21 12.77 -37.76
CA PHE D 295 -25.13 11.70 -38.24
C PHE D 295 -24.96 11.39 -39.72
N GLY D 296 -24.28 12.25 -40.49
CA GLY D 296 -24.30 12.25 -41.98
C GLY D 296 -23.22 11.33 -42.50
#